data_1M8Y
#
_entry.id   1M8Y
#
_cell.length_a   35.840
_cell.length_b   59.730
_cell.length_c   340.850
_cell.angle_alpha   90.00
_cell.angle_beta   90.00
_cell.angle_gamma   90.00
#
_symmetry.space_group_name_H-M   'P 21 21 21'
#
loop_
_entity.id
_entity.type
_entity.pdbx_description
1 polymer "5'-R(P*AP*UP*UP*GP*UP*AP*CP*AP*UP*A)-3'"
2 polymer 'Pumilio 1'
3 water water
#
loop_
_entity_poly.entity_id
_entity_poly.type
_entity_poly.pdbx_seq_one_letter_code
_entity_poly.pdbx_strand_id
1 'polyribonucleotide' AUUGUACAUA C,D
2 'polypeptide(L)'
;GRSRLLEDFRNNRYPNLQLREIAGHIMEFSQDQHGSRFIQLKLERATPAERQLVFNEILQAAYQLMVDVFGNYVIQKFFE
FGSLEQKLALAERIRGHVLSLALQMYGCRVIQKALEFIPSDQQNEMVRELDGHVLKCVKDQNGNHVVQKCIECVQPQSLQ
FIIDAFKGQVFALSTHPYGCRVIQRILEHCLPDQTLPILEELHQHTEQLVQDQYGNYVIQHVLEHGRPEDKSKIVAEIRG
NVLVLSQHKFASNVVEKCVTHASRTERAVLIDEVCTMNDGPHSALYTMMKDQYANYVVQKMIDVAEPGQRKIVMHKIRPH
IATLRKYTYGKHILAKLEKYYMKNGVDLG
;
A,B
#
# COMPACT_ATOMS: atom_id res chain seq x y z
N GLY C 1 -20.35 3.52 -3.80
CA GLY C 1 -21.55 2.95 -4.48
C GLY C 1 -21.57 1.43 -4.63
N ARG C 2 -21.60 0.70 -3.53
CA ARG C 2 -21.64 -0.76 -3.58
C ARG C 2 -23.07 -1.18 -3.85
N SER C 3 -23.31 -2.50 -3.89
CA SER C 3 -24.65 -3.01 -4.13
C SER C 3 -25.30 -3.31 -2.79
N ARG C 4 -26.58 -3.68 -2.84
CA ARG C 4 -27.33 -4.02 -1.64
C ARG C 4 -26.85 -5.36 -1.11
N LEU C 5 -26.60 -6.30 -2.01
CA LEU C 5 -26.17 -7.64 -1.62
C LEU C 5 -24.81 -7.68 -0.93
N LEU C 6 -23.83 -6.97 -1.49
CA LEU C 6 -22.50 -6.97 -0.88
C LEU C 6 -22.57 -6.24 0.45
N GLU C 7 -23.30 -5.14 0.47
CA GLU C 7 -23.48 -4.33 1.68
C GLU C 7 -23.90 -5.21 2.85
N ASP C 8 -24.93 -6.03 2.64
CA ASP C 8 -25.43 -6.90 3.70
C ASP C 8 -24.48 -8.04 4.04
N PHE C 9 -23.49 -8.28 3.18
CA PHE C 9 -22.51 -9.34 3.40
C PHE C 9 -21.33 -8.72 4.16
N ARG C 10 -21.06 -7.47 3.84
CA ARG C 10 -19.99 -6.70 4.46
C ARG C 10 -20.35 -6.48 5.92
N ASN C 11 -21.63 -6.25 6.18
CA ASN C 11 -22.13 -6.02 7.54
C ASN C 11 -22.42 -7.35 8.24
N ASN C 12 -22.07 -8.44 7.56
CA ASN C 12 -22.27 -9.82 8.05
C ASN C 12 -23.72 -10.17 8.37
N ARG C 13 -24.55 -10.22 7.34
CA ARG C 13 -25.95 -10.57 7.51
C ARG C 13 -26.34 -11.67 6.53
N TYR C 14 -25.33 -12.42 6.07
CA TYR C 14 -25.53 -13.51 5.12
C TYR C 14 -24.58 -14.65 5.47
N PRO C 15 -24.77 -15.26 6.66
CA PRO C 15 -23.93 -16.35 7.17
C PRO C 15 -23.99 -17.69 6.43
N ASN C 16 -24.77 -17.77 5.35
CA ASN C 16 -24.86 -19.03 4.61
C ASN C 16 -24.84 -18.84 3.09
N LEU C 17 -24.26 -17.73 2.65
CA LEU C 17 -24.18 -17.40 1.23
C LEU C 17 -23.45 -18.47 0.42
N GLN C 18 -23.92 -18.65 -0.81
CA GLN C 18 -23.32 -19.62 -1.73
C GLN C 18 -22.87 -18.89 -2.99
N LEU C 19 -21.92 -19.47 -3.71
CA LEU C 19 -21.44 -18.85 -4.94
C LEU C 19 -22.59 -18.67 -5.92
N ARG C 20 -23.51 -19.63 -5.87
CA ARG C 20 -24.68 -19.64 -6.75
C ARG C 20 -25.58 -18.42 -6.51
N GLU C 21 -25.54 -17.91 -5.29
CA GLU C 21 -26.37 -16.77 -4.88
C GLU C 21 -25.72 -15.40 -5.08
N ILE C 22 -24.44 -15.37 -5.44
CA ILE C 22 -23.81 -14.08 -5.67
C ILE C 22 -23.55 -13.90 -7.16
N ALA C 23 -24.29 -14.63 -7.99
CA ALA C 23 -24.14 -14.51 -9.45
C ALA C 23 -24.53 -13.08 -9.83
N GLY C 24 -23.98 -12.60 -10.95
CA GLY C 24 -24.26 -11.25 -11.38
C GLY C 24 -23.43 -10.27 -10.56
N HIS C 25 -22.79 -10.76 -9.50
CA HIS C 25 -21.99 -9.93 -8.61
C HIS C 25 -20.51 -10.29 -8.45
N ILE C 26 -20.10 -11.45 -8.96
CA ILE C 26 -18.70 -11.90 -8.85
C ILE C 26 -17.67 -10.79 -9.10
N MET C 27 -17.90 -9.99 -10.14
CA MET C 27 -17.01 -8.90 -10.49
C MET C 27 -16.87 -7.93 -9.32
N GLU C 28 -18.00 -7.59 -8.72
CA GLU C 28 -18.03 -6.67 -7.58
C GLU C 28 -17.46 -7.29 -6.30
N PHE C 29 -17.80 -8.55 -6.03
CA PHE C 29 -17.29 -9.20 -4.82
C PHE C 29 -15.78 -9.41 -4.84
N SER C 30 -15.22 -9.65 -6.04
CA SER C 30 -13.79 -9.87 -6.16
C SER C 30 -13.00 -8.57 -5.99
N GLN C 31 -13.69 -7.44 -6.10
CA GLN C 31 -13.02 -6.16 -5.94
C GLN C 31 -13.16 -5.61 -4.53
N ASP C 32 -13.71 -6.43 -3.65
CA ASP C 32 -13.91 -6.08 -2.25
C ASP C 32 -13.07 -7.00 -1.40
N GLN C 33 -12.42 -6.47 -0.38
CA GLN C 33 -11.56 -7.32 0.46
C GLN C 33 -12.26 -8.53 1.06
N HIS C 34 -13.55 -8.37 1.39
CA HIS C 34 -14.31 -9.47 1.98
C HIS C 34 -14.97 -10.35 0.94
N GLY C 35 -15.53 -9.73 -0.09
CA GLY C 35 -16.18 -10.51 -1.14
C GLY C 35 -15.16 -11.47 -1.72
N SER C 36 -13.98 -10.94 -2.00
CA SER C 36 -12.88 -11.70 -2.54
C SER C 36 -12.51 -12.86 -1.62
N ARG C 37 -12.22 -12.55 -0.35
CA ARG C 37 -11.88 -13.60 0.62
C ARG C 37 -13.01 -14.62 0.66
N PHE C 38 -14.24 -14.16 0.44
CA PHE C 38 -15.38 -15.07 0.43
C PHE C 38 -15.21 -16.02 -0.74
N ILE C 39 -14.99 -15.47 -1.93
CA ILE C 39 -14.82 -16.28 -3.10
C ILE C 39 -13.64 -17.23 -2.96
N GLN C 40 -12.48 -16.70 -2.58
CA GLN C 40 -11.27 -17.50 -2.43
C GLN C 40 -11.48 -18.74 -1.56
N LEU C 41 -12.21 -18.57 -0.47
CA LEU C 41 -12.45 -19.69 0.41
C LEU C 41 -13.35 -20.72 -0.24
N LYS C 42 -14.42 -20.26 -0.88
CA LYS C 42 -15.38 -21.16 -1.50
C LYS C 42 -15.02 -21.94 -2.77
N LEU C 43 -14.12 -21.40 -3.60
CA LEU C 43 -13.75 -22.07 -4.85
C LEU C 43 -13.11 -23.46 -4.73
N GLU C 44 -12.33 -23.68 -3.69
CA GLU C 44 -11.69 -24.98 -3.54
C GLU C 44 -12.68 -26.14 -3.37
N ARG C 45 -13.68 -25.94 -2.53
CA ARG C 45 -14.68 -26.98 -2.24
C ARG C 45 -15.95 -26.89 -3.09
N ALA C 46 -15.98 -25.91 -3.98
CA ALA C 46 -17.12 -25.68 -4.86
C ALA C 46 -17.31 -26.79 -5.88
N THR C 47 -18.45 -26.76 -6.57
CA THR C 47 -18.74 -27.76 -7.60
C THR C 47 -18.26 -27.23 -8.93
N PRO C 48 -17.98 -28.12 -9.88
CA PRO C 48 -17.52 -27.71 -11.20
C PRO C 48 -18.41 -26.64 -11.79
N ALA C 49 -19.71 -26.89 -11.76
CA ALA C 49 -20.68 -25.95 -12.30
C ALA C 49 -20.60 -24.60 -11.59
N GLU C 50 -20.43 -24.65 -10.26
CA GLU C 50 -20.34 -23.44 -9.47
C GLU C 50 -19.12 -22.62 -9.86
N ARG C 51 -18.01 -23.31 -10.07
CA ARG C 51 -16.77 -22.67 -10.44
C ARG C 51 -16.84 -22.13 -11.86
N GLN C 52 -17.65 -22.79 -12.69
CA GLN C 52 -17.81 -22.38 -14.08
C GLN C 52 -18.64 -21.11 -14.07
N LEU C 53 -19.56 -21.03 -13.11
CA LEU C 53 -20.42 -19.86 -12.95
C LEU C 53 -19.53 -18.68 -12.58
N VAL C 54 -18.68 -18.88 -11.58
CA VAL C 54 -17.77 -17.82 -11.13
C VAL C 54 -16.88 -17.38 -12.27
N PHE C 55 -16.31 -18.36 -12.99
CA PHE C 55 -15.41 -18.09 -14.10
C PHE C 55 -16.10 -17.34 -15.22
N ASN C 56 -17.35 -17.70 -15.49
CA ASN C 56 -18.12 -17.04 -16.54
C ASN C 56 -18.01 -15.52 -16.40
N GLU C 57 -18.13 -15.04 -15.17
CA GLU C 57 -18.09 -13.61 -14.89
C GLU C 57 -16.72 -12.96 -14.68
N ILE C 58 -15.68 -13.76 -14.42
CA ILE C 58 -14.34 -13.18 -14.21
C ILE C 58 -13.56 -13.16 -15.51
N LEU C 59 -14.05 -13.92 -16.48
CA LEU C 59 -13.41 -14.04 -17.77
C LEU C 59 -13.42 -12.78 -18.62
N GLN C 60 -14.50 -12.01 -18.58
CA GLN C 60 -14.61 -10.81 -19.40
C GLN C 60 -13.88 -9.55 -18.96
N ALA C 61 -13.67 -9.39 -17.66
CA ALA C 61 -12.93 -8.25 -17.15
C ALA C 61 -11.75 -8.85 -16.37
N ALA C 62 -11.24 -9.97 -16.87
CA ALA C 62 -10.12 -10.68 -16.24
C ALA C 62 -8.92 -9.80 -15.94
N TYR C 63 -8.42 -9.09 -16.95
CA TYR C 63 -7.28 -8.20 -16.77
C TYR C 63 -7.55 -7.23 -15.62
N GLN C 64 -8.74 -6.66 -15.62
CA GLN C 64 -9.13 -5.71 -14.58
C GLN C 64 -8.91 -6.24 -13.16
N LEU C 65 -9.22 -7.52 -12.93
CA LEU C 65 -9.06 -8.14 -11.62
C LEU C 65 -7.59 -8.46 -11.34
N MET C 66 -6.85 -8.81 -12.38
CA MET C 66 -5.43 -9.12 -12.23
C MET C 66 -4.64 -7.99 -11.57
N VAL C 67 -4.98 -6.76 -11.89
CA VAL C 67 -4.31 -5.57 -11.36
C VAL C 67 -5.07 -4.91 -10.21
N ASP C 68 -6.00 -5.63 -9.61
CA ASP C 68 -6.77 -5.10 -8.50
C ASP C 68 -6.23 -5.62 -7.16
N VAL C 69 -6.15 -4.73 -6.18
CA VAL C 69 -5.64 -5.06 -4.85
C VAL C 69 -6.30 -6.32 -4.23
N PHE C 70 -7.57 -6.57 -4.57
CA PHE C 70 -8.26 -7.74 -4.04
C PHE C 70 -8.62 -8.81 -5.08
N GLY C 71 -8.82 -8.40 -6.33
CA GLY C 71 -9.19 -9.34 -7.36
C GLY C 71 -8.11 -10.30 -7.78
N ASN C 72 -6.84 -9.90 -7.69
CA ASN C 72 -5.78 -10.78 -8.13
C ASN C 72 -5.82 -12.15 -7.46
N TYR C 73 -6.23 -12.20 -6.19
CA TYR C 73 -6.29 -13.49 -5.49
C TYR C 73 -7.29 -14.46 -6.11
N VAL C 74 -8.39 -13.91 -6.63
CA VAL C 74 -9.42 -14.73 -7.26
C VAL C 74 -8.88 -15.35 -8.53
N ILE C 75 -8.07 -14.58 -9.26
CA ILE C 75 -7.47 -15.11 -10.48
C ILE C 75 -6.45 -16.13 -10.05
N GLN C 76 -5.65 -15.81 -9.02
CA GLN C 76 -4.62 -16.74 -8.53
C GLN C 76 -5.19 -18.07 -8.08
N LYS C 77 -6.35 -18.02 -7.43
CA LYS C 77 -7.00 -19.22 -6.92
C LYS C 77 -7.51 -20.05 -8.08
N PHE C 78 -7.76 -19.42 -9.21
CA PHE C 78 -8.24 -20.18 -10.37
C PHE C 78 -7.11 -20.99 -10.98
N PHE C 79 -5.90 -20.43 -11.00
CA PHE C 79 -4.76 -21.17 -11.54
C PHE C 79 -4.48 -22.33 -10.60
N GLU C 80 -4.89 -22.18 -9.34
CA GLU C 80 -4.67 -23.21 -8.34
C GLU C 80 -5.71 -24.32 -8.30
N PHE C 81 -6.98 -23.96 -8.47
CA PHE C 81 -8.04 -24.97 -8.42
C PHE C 81 -8.97 -24.96 -9.63
N GLY C 82 -8.53 -24.31 -10.71
CA GLY C 82 -9.34 -24.26 -11.90
C GLY C 82 -9.08 -25.50 -12.71
N SER C 83 -9.79 -25.68 -13.82
CA SER C 83 -9.58 -26.84 -14.67
C SER C 83 -8.46 -26.45 -15.63
N LEU C 84 -7.98 -27.41 -16.41
CA LEU C 84 -6.93 -27.12 -17.36
C LEU C 84 -7.45 -26.15 -18.43
N GLU C 85 -8.72 -26.28 -18.80
CA GLU C 85 -9.32 -25.40 -19.80
C GLU C 85 -9.38 -23.97 -19.28
N GLN C 86 -9.69 -23.83 -18.00
CA GLN C 86 -9.78 -22.53 -17.36
C GLN C 86 -8.39 -21.88 -17.20
N LYS C 87 -7.39 -22.68 -16.84
CA LYS C 87 -6.03 -22.17 -16.69
C LYS C 87 -5.49 -21.75 -18.05
N LEU C 88 -5.78 -22.53 -19.09
CA LEU C 88 -5.33 -22.19 -20.44
C LEU C 88 -6.05 -20.96 -21.00
N ALA C 89 -7.35 -20.83 -20.72
CA ALA C 89 -8.12 -19.69 -21.20
C ALA C 89 -7.64 -18.38 -20.55
N LEU C 90 -7.19 -18.48 -19.30
CA LEU C 90 -6.67 -17.33 -18.56
C LEU C 90 -5.31 -16.93 -19.12
N ALA C 91 -4.46 -17.94 -19.34
CA ALA C 91 -3.13 -17.72 -19.89
C ALA C 91 -3.28 -16.99 -21.23
N GLU C 92 -4.47 -17.14 -21.84
CA GLU C 92 -4.77 -16.49 -23.10
C GLU C 92 -5.11 -15.02 -22.90
N ARG C 93 -5.75 -14.71 -21.77
CA ARG C 93 -6.11 -13.34 -21.46
C ARG C 93 -4.85 -12.53 -21.13
N ILE C 94 -3.83 -13.24 -20.63
CA ILE C 94 -2.56 -12.63 -20.27
C ILE C 94 -1.70 -12.52 -21.52
N ARG C 95 -1.87 -13.46 -22.45
CA ARG C 95 -1.11 -13.46 -23.69
C ARG C 95 -1.22 -12.05 -24.23
N GLY C 96 -0.08 -11.40 -24.43
CA GLY C 96 -0.05 -10.04 -24.92
C GLY C 96 0.13 -8.99 -23.85
N HIS C 97 -0.06 -9.37 -22.59
CA HIS C 97 0.06 -8.43 -21.46
C HIS C 97 1.04 -8.83 -20.37
N VAL C 98 1.98 -9.74 -20.65
CA VAL C 98 2.93 -10.17 -19.65
C VAL C 98 3.78 -9.03 -19.09
N LEU C 99 4.36 -8.22 -19.97
CA LEU C 99 5.19 -7.13 -19.51
C LEU C 99 4.48 -6.17 -18.57
N SER C 100 3.41 -5.53 -19.02
CA SER C 100 2.71 -4.58 -18.14
C SER C 100 2.19 -5.20 -16.85
N LEU C 101 1.78 -6.48 -16.91
CA LEU C 101 1.29 -7.17 -15.72
C LEU C 101 2.46 -7.41 -14.76
N ALA C 102 3.62 -7.74 -15.31
CA ALA C 102 4.80 -8.01 -14.49
C ALA C 102 5.33 -6.78 -13.75
N LEU C 103 5.07 -5.58 -14.27
CA LEU C 103 5.54 -4.37 -13.61
C LEU C 103 4.42 -3.77 -12.77
N GLN C 104 3.28 -4.46 -12.70
CA GLN C 104 2.13 -4.00 -11.94
C GLN C 104 2.16 -4.62 -10.53
N MET C 105 1.83 -3.79 -9.54
CA MET C 105 1.81 -4.19 -8.13
C MET C 105 1.13 -5.54 -7.90
N TYR C 106 -0.02 -5.74 -8.53
CA TYR C 106 -0.78 -6.97 -8.35
C TYR C 106 -0.62 -7.96 -9.50
N GLY C 107 -0.62 -7.46 -10.74
CA GLY C 107 -0.50 -8.30 -11.88
C GLY C 107 0.70 -9.20 -11.70
N CYS C 108 1.77 -8.62 -11.19
CA CYS C 108 3.00 -9.37 -10.98
C CYS C 108 2.75 -10.63 -10.16
N ARG C 109 1.73 -10.58 -9.29
CA ARG C 109 1.38 -11.73 -8.45
C ARG C 109 0.66 -12.80 -9.27
N VAL C 110 -0.16 -12.38 -10.22
CA VAL C 110 -0.86 -13.33 -11.08
C VAL C 110 0.14 -14.05 -12.00
N ILE C 111 1.04 -13.30 -12.63
CA ILE C 111 2.01 -13.90 -13.52
C ILE C 111 2.80 -14.96 -12.79
N GLN C 112 3.24 -14.62 -11.57
CA GLN C 112 4.02 -15.57 -10.77
C GLN C 112 3.28 -16.88 -10.50
N LYS C 113 1.99 -16.80 -10.20
CA LYS C 113 1.20 -17.99 -9.89
C LYS C 113 0.87 -18.80 -11.14
N ALA C 114 0.57 -18.12 -12.23
CA ALA C 114 0.28 -18.81 -13.48
C ALA C 114 1.50 -19.60 -13.91
N LEU C 115 2.69 -19.03 -13.72
CA LEU C 115 3.94 -19.71 -14.08
C LEU C 115 4.15 -20.99 -13.31
N GLU C 116 3.37 -21.18 -12.25
CA GLU C 116 3.47 -22.37 -11.41
C GLU C 116 2.47 -23.46 -11.76
N PHE C 117 1.44 -23.13 -12.53
CA PHE C 117 0.42 -24.12 -12.84
C PHE C 117 0.02 -24.33 -14.29
N ILE C 118 0.62 -23.58 -15.19
CA ILE C 118 0.29 -23.74 -16.60
C ILE C 118 1.32 -24.70 -17.17
N PRO C 119 1.00 -25.41 -18.27
CA PRO C 119 2.00 -26.33 -18.83
C PRO C 119 3.21 -25.60 -19.43
N SER C 120 4.28 -26.35 -19.63
CA SER C 120 5.52 -25.81 -20.19
C SER C 120 5.32 -24.92 -21.44
N ASP C 121 4.43 -25.34 -22.34
CA ASP C 121 4.15 -24.57 -23.54
C ASP C 121 3.72 -23.14 -23.22
N GLN C 122 2.77 -23.00 -22.30
CA GLN C 122 2.27 -21.71 -21.94
C GLN C 122 3.28 -20.91 -21.13
N GLN C 123 4.19 -21.62 -20.45
CA GLN C 123 5.24 -20.94 -19.71
C GLN C 123 6.19 -20.28 -20.69
N ASN C 124 6.65 -21.04 -21.67
CA ASN C 124 7.57 -20.52 -22.68
C ASN C 124 6.98 -19.34 -23.45
N GLU C 125 5.72 -19.45 -23.85
CA GLU C 125 5.08 -18.34 -24.58
C GLU C 125 5.14 -17.11 -23.69
N MET C 126 4.67 -17.29 -22.46
CA MET C 126 4.61 -16.20 -21.49
C MET C 126 5.98 -15.54 -21.24
N VAL C 127 7.04 -16.32 -21.12
CA VAL C 127 8.37 -15.77 -20.89
C VAL C 127 8.98 -15.00 -22.07
N ARG C 128 8.58 -15.34 -23.31
CA ARG C 128 9.10 -14.66 -24.50
C ARG C 128 8.75 -13.18 -24.53
N GLU C 129 7.55 -12.83 -24.04
CA GLU C 129 7.11 -11.45 -24.03
C GLU C 129 8.07 -10.60 -23.23
N LEU C 130 8.87 -11.26 -22.41
CA LEU C 130 9.84 -10.56 -21.58
C LEU C 130 11.10 -10.21 -22.37
N ASP C 131 11.33 -10.92 -23.48
CA ASP C 131 12.50 -10.67 -24.30
C ASP C 131 12.50 -9.23 -24.82
N GLY C 132 13.62 -8.55 -24.61
CA GLY C 132 13.75 -7.19 -25.06
C GLY C 132 13.40 -6.23 -23.94
N HIS C 133 13.07 -6.79 -22.77
CA HIS C 133 12.68 -5.97 -21.64
C HIS C 133 13.28 -6.49 -20.36
N VAL C 134 14.26 -7.38 -20.48
CA VAL C 134 14.89 -7.99 -19.30
C VAL C 134 15.43 -7.03 -18.25
N LEU C 135 16.54 -6.34 -18.56
CA LEU C 135 17.13 -5.40 -17.61
C LEU C 135 16.09 -4.47 -16.97
N LYS C 136 14.99 -4.19 -17.66
CA LYS C 136 13.95 -3.33 -17.12
C LYS C 136 13.19 -4.02 -15.99
N CYS C 137 12.76 -5.25 -16.24
CA CYS C 137 12.01 -5.99 -15.23
C CYS C 137 12.88 -6.27 -14.02
N VAL C 138 14.06 -6.82 -14.27
CA VAL C 138 14.99 -7.14 -13.22
C VAL C 138 15.17 -6.00 -12.21
N LYS C 139 15.27 -4.77 -12.71
CA LYS C 139 15.46 -3.63 -11.83
C LYS C 139 14.16 -3.03 -11.31
N ASP C 140 13.10 -3.83 -11.35
CA ASP C 140 11.79 -3.38 -10.89
C ASP C 140 11.26 -4.16 -9.67
N GLN C 141 10.78 -3.43 -8.67
CA GLN C 141 10.25 -4.04 -7.42
C GLN C 141 9.20 -5.13 -7.64
N ASN C 142 8.43 -5.02 -8.71
CA ASN C 142 7.41 -6.02 -9.00
C ASN C 142 7.93 -7.05 -10.00
N GLY C 143 8.55 -6.55 -11.06
CA GLY C 143 9.06 -7.43 -12.10
C GLY C 143 10.21 -8.35 -11.72
N ASN C 144 11.14 -7.91 -10.87
CA ASN C 144 12.27 -8.75 -10.54
C ASN C 144 11.82 -10.08 -9.96
N HIS C 145 10.62 -10.10 -9.38
CA HIS C 145 10.07 -11.33 -8.79
C HIS C 145 9.48 -12.20 -9.90
N VAL C 146 8.97 -11.55 -10.95
CA VAL C 146 8.42 -12.27 -12.09
C VAL C 146 9.60 -12.97 -12.72
N VAL C 147 10.68 -12.23 -12.93
CA VAL C 147 11.89 -12.81 -13.50
C VAL C 147 12.40 -13.96 -12.63
N GLN C 148 12.55 -13.75 -11.33
CA GLN C 148 13.02 -14.82 -10.46
C GLN C 148 12.16 -16.08 -10.61
N LYS C 149 10.85 -15.89 -10.74
CA LYS C 149 9.95 -17.02 -10.86
C LYS C 149 10.14 -17.80 -12.16
N CYS C 150 10.37 -17.09 -13.26
CA CYS C 150 10.60 -17.71 -14.57
C CYS C 150 11.82 -18.63 -14.51
N ILE C 151 12.88 -18.11 -13.91
CA ILE C 151 14.14 -18.83 -13.77
C ILE C 151 13.93 -20.10 -12.94
N GLU C 152 13.01 -20.04 -11.99
CA GLU C 152 12.71 -21.19 -11.14
C GLU C 152 11.73 -22.18 -11.74
N CYS C 153 10.78 -21.71 -12.53
CA CYS C 153 9.76 -22.59 -13.08
C CYS C 153 9.85 -23.04 -14.53
N VAL C 154 10.57 -22.31 -15.36
CA VAL C 154 10.68 -22.67 -16.76
C VAL C 154 11.93 -23.46 -17.13
N GLN C 155 11.84 -24.24 -18.19
CA GLN C 155 12.99 -25.02 -18.67
C GLN C 155 14.07 -23.99 -19.00
N PRO C 156 15.31 -24.23 -18.55
CA PRO C 156 16.42 -23.30 -18.81
C PRO C 156 16.68 -23.09 -20.29
N GLN C 157 16.21 -24.02 -21.11
CA GLN C 157 16.38 -23.95 -22.56
C GLN C 157 15.74 -22.69 -23.12
N SER C 158 14.66 -22.23 -22.49
CA SER C 158 13.98 -21.03 -22.98
C SER C 158 14.34 -19.77 -22.22
N LEU C 159 15.40 -19.84 -21.43
CA LEU C 159 15.83 -18.67 -20.67
C LEU C 159 17.10 -18.02 -21.22
N GLN C 160 17.52 -18.42 -22.42
CA GLN C 160 18.72 -17.85 -23.02
C GLN C 160 18.71 -16.34 -23.16
N PHE C 161 17.61 -15.78 -23.65
CA PHE C 161 17.51 -14.33 -23.83
C PHE C 161 17.85 -13.55 -22.56
N ILE C 162 17.62 -14.16 -21.40
CA ILE C 162 17.92 -13.49 -20.13
C ILE C 162 19.43 -13.48 -19.91
N ILE C 163 20.09 -14.64 -20.10
CA ILE C 163 21.53 -14.74 -19.95
C ILE C 163 22.23 -13.75 -20.91
N ASP C 164 21.65 -13.55 -22.09
CA ASP C 164 22.23 -12.66 -23.08
C ASP C 164 22.16 -11.19 -22.66
N ALA C 165 21.03 -10.83 -22.06
CA ALA C 165 20.82 -9.46 -21.59
C ALA C 165 21.80 -9.12 -20.48
N PHE C 166 22.22 -10.11 -19.70
CA PHE C 166 23.18 -9.91 -18.61
C PHE C 166 24.63 -9.78 -19.09
N LYS C 167 24.89 -10.14 -20.35
CA LYS C 167 26.22 -10.06 -20.96
C LYS C 167 26.88 -8.72 -20.64
N GLY C 168 27.90 -8.74 -19.80
CA GLY C 168 28.57 -7.50 -19.45
C GLY C 168 27.80 -6.65 -18.44
N GLN C 169 26.79 -7.23 -17.82
CA GLN C 169 25.98 -6.51 -16.85
C GLN C 169 25.90 -7.28 -15.53
N VAL C 170 26.66 -8.37 -15.42
CA VAL C 170 26.61 -9.18 -14.21
C VAL C 170 27.10 -8.43 -12.97
N PHE C 171 28.04 -7.50 -13.14
CA PHE C 171 28.54 -6.73 -12.01
C PHE C 171 27.57 -5.63 -11.58
N ALA C 172 27.02 -4.93 -12.57
CA ALA C 172 26.08 -3.85 -12.29
C ALA C 172 24.84 -4.42 -11.65
N LEU C 173 24.43 -5.60 -12.09
CA LEU C 173 23.25 -6.21 -11.52
C LEU C 173 23.52 -6.88 -10.17
N SER C 174 24.71 -7.45 -10.02
CA SER C 174 25.09 -8.12 -8.77
C SER C 174 25.15 -7.14 -7.61
N THR C 175 25.47 -5.89 -7.91
CA THR C 175 25.54 -4.86 -6.88
C THR C 175 24.22 -4.10 -6.82
N HIS C 176 23.21 -4.61 -7.51
CA HIS C 176 21.90 -3.99 -7.54
C HIS C 176 21.08 -4.78 -6.53
N PRO C 177 20.19 -4.10 -5.78
CA PRO C 177 19.32 -4.71 -4.76
C PRO C 177 18.40 -5.82 -5.25
N TYR C 178 17.96 -5.75 -6.50
CA TYR C 178 17.10 -6.78 -7.07
C TYR C 178 17.98 -7.68 -7.92
N GLY C 179 18.76 -7.03 -8.79
CA GLY C 179 19.66 -7.76 -9.65
C GLY C 179 20.38 -8.90 -8.96
N CYS C 180 20.97 -8.61 -7.80
CA CYS C 180 21.70 -9.64 -7.07
C CYS C 180 20.82 -10.83 -6.75
N ARG C 181 19.50 -10.61 -6.67
CA ARG C 181 18.56 -11.70 -6.39
C ARG C 181 18.42 -12.60 -7.62
N VAL C 182 18.23 -11.98 -8.79
CA VAL C 182 18.09 -12.71 -10.05
C VAL C 182 19.32 -13.52 -10.40
N ILE C 183 20.51 -12.97 -10.16
CA ILE C 183 21.72 -13.70 -10.49
C ILE C 183 21.78 -15.01 -9.68
N GLN C 184 21.37 -14.98 -8.42
CA GLN C 184 21.42 -16.21 -7.64
C GLN C 184 20.45 -17.24 -8.18
N ARG C 185 19.26 -16.83 -8.56
CA ARG C 185 18.31 -17.78 -9.10
C ARG C 185 18.98 -18.47 -10.30
N ILE C 186 19.62 -17.67 -11.14
CA ILE C 186 20.30 -18.17 -12.31
C ILE C 186 21.42 -19.14 -11.98
N LEU C 187 22.19 -18.86 -10.94
CA LEU C 187 23.26 -19.77 -10.56
C LEU C 187 22.66 -21.08 -10.06
N GLU C 188 21.44 -21.02 -9.53
CA GLU C 188 20.76 -22.19 -9.00
C GLU C 188 20.03 -23.03 -10.03
N HIS C 189 19.56 -22.39 -11.10
CA HIS C 189 18.76 -23.10 -12.11
C HIS C 189 19.24 -23.26 -13.55
N CYS C 190 20.00 -22.29 -14.07
CA CYS C 190 20.44 -22.38 -15.46
C CYS C 190 21.48 -23.44 -15.83
N LEU C 191 21.57 -23.71 -17.14
CA LEU C 191 22.48 -24.71 -17.70
C LEU C 191 23.94 -24.27 -17.71
N PRO C 192 24.86 -25.23 -17.62
CA PRO C 192 26.31 -25.08 -17.62
C PRO C 192 26.90 -23.99 -18.54
N ASP C 193 26.43 -23.94 -19.78
CA ASP C 193 26.93 -22.94 -20.73
C ASP C 193 26.33 -21.56 -20.49
N GLN C 194 25.34 -21.50 -19.61
CA GLN C 194 24.69 -20.25 -19.28
C GLN C 194 25.29 -19.67 -18.01
N THR C 195 25.56 -20.54 -17.03
CA THR C 195 26.16 -20.10 -15.77
C THR C 195 27.61 -19.68 -15.96
N LEU C 196 28.32 -20.36 -16.85
CA LEU C 196 29.74 -20.08 -17.12
C LEU C 196 30.08 -18.63 -17.43
N PRO C 197 29.41 -18.01 -18.42
CA PRO C 197 29.72 -16.62 -18.73
C PRO C 197 29.26 -15.69 -17.60
N ILE C 198 28.28 -16.13 -16.81
CA ILE C 198 27.81 -15.35 -15.67
C ILE C 198 28.99 -15.40 -14.68
N LEU C 199 29.45 -16.60 -14.36
CA LEU C 199 30.56 -16.79 -13.44
C LEU C 199 31.86 -16.08 -13.83
N GLU C 200 32.15 -16.02 -15.12
CA GLU C 200 33.37 -15.37 -15.59
C GLU C 200 33.36 -13.91 -15.13
N GLU C 201 32.28 -13.19 -15.43
CA GLU C 201 32.14 -11.81 -15.02
C GLU C 201 32.20 -11.72 -13.49
N LEU C 202 31.53 -12.64 -12.80
CA LEU C 202 31.59 -12.61 -11.36
C LEU C 202 33.03 -12.70 -10.90
N HIS C 203 33.76 -13.72 -11.35
CA HIS C 203 35.16 -13.86 -10.96
C HIS C 203 35.95 -12.59 -11.35
N GLN C 204 35.56 -11.95 -12.45
CA GLN C 204 36.26 -10.75 -12.88
C GLN C 204 36.24 -9.67 -11.80
N HIS C 205 35.13 -9.59 -11.07
CA HIS C 205 34.92 -8.57 -10.03
C HIS C 205 34.93 -9.01 -8.59
N THR C 206 35.52 -10.17 -8.31
CA THR C 206 35.54 -10.66 -6.95
C THR C 206 35.88 -9.53 -5.95
N GLU C 207 37.04 -8.89 -6.15
CA GLU C 207 37.48 -7.80 -5.31
C GLU C 207 36.41 -6.73 -5.06
N GLN C 208 35.74 -6.28 -6.11
CA GLN C 208 34.71 -5.26 -5.96
C GLN C 208 33.45 -5.82 -5.29
N LEU C 209 33.03 -6.99 -5.73
CA LEU C 209 31.83 -7.61 -5.21
C LEU C 209 31.84 -8.00 -3.74
N VAL C 210 32.92 -8.60 -3.24
CA VAL C 210 32.94 -9.00 -1.83
C VAL C 210 32.78 -7.79 -0.90
N GLN C 211 33.05 -6.58 -1.40
CA GLN C 211 32.91 -5.39 -0.57
C GLN C 211 31.57 -4.65 -0.80
N ASP C 212 30.75 -5.17 -1.72
CA ASP C 212 29.47 -4.55 -1.99
C ASP C 212 28.39 -5.07 -1.04
N GLN C 213 27.54 -4.17 -0.58
CA GLN C 213 26.46 -4.50 0.33
C GLN C 213 25.56 -5.58 -0.30
N TYR C 214 25.59 -5.71 -1.62
CA TYR C 214 24.79 -6.74 -2.28
C TYR C 214 25.67 -7.79 -2.96
N GLY C 215 26.83 -7.36 -3.46
CA GLY C 215 27.73 -8.27 -4.15
C GLY C 215 28.26 -9.40 -3.29
N ASN C 216 28.48 -9.13 -2.01
CA ASN C 216 29.00 -10.13 -1.11
C ASN C 216 28.08 -11.34 -1.01
N TYR C 217 26.78 -11.16 -1.25
CA TYR C 217 25.85 -12.29 -1.18
C TYR C 217 25.99 -13.22 -2.39
N VAL C 218 26.33 -12.65 -3.54
CA VAL C 218 26.48 -13.45 -4.74
C VAL C 218 27.70 -14.32 -4.57
N ILE C 219 28.81 -13.71 -4.17
CA ILE C 219 30.03 -14.49 -3.99
C ILE C 219 29.83 -15.55 -2.91
N GLN C 220 29.06 -15.22 -1.88
CA GLN C 220 28.82 -16.20 -0.84
C GLN C 220 28.01 -17.36 -1.41
N HIS C 221 27.10 -17.03 -2.33
CA HIS C 221 26.28 -18.06 -2.96
C HIS C 221 27.18 -19.05 -3.67
N VAL C 222 28.14 -18.53 -4.42
CA VAL C 222 29.06 -19.38 -5.16
C VAL C 222 29.87 -20.28 -4.24
N LEU C 223 30.27 -19.76 -3.09
CA LEU C 223 31.04 -20.55 -2.14
C LEU C 223 30.19 -21.63 -1.51
N GLU C 224 28.92 -21.32 -1.22
CA GLU C 224 28.03 -22.29 -0.60
C GLU C 224 27.45 -23.33 -1.56
N HIS C 225 27.12 -22.90 -2.79
CA HIS C 225 26.52 -23.80 -3.75
C HIS C 225 27.30 -24.11 -5.02
N GLY C 226 28.41 -23.42 -5.23
CA GLY C 226 29.19 -23.61 -6.45
C GLY C 226 30.19 -24.74 -6.56
N ARG C 227 30.65 -24.96 -7.78
CA ARG C 227 31.63 -25.99 -8.11
C ARG C 227 33.03 -25.60 -7.68
N PRO C 228 33.83 -26.57 -7.20
CA PRO C 228 35.20 -26.42 -6.72
C PRO C 228 36.06 -25.41 -7.48
N GLU C 229 36.02 -25.46 -8.81
CA GLU C 229 36.81 -24.53 -9.59
C GLU C 229 36.48 -23.08 -9.22
N ASP C 230 35.20 -22.74 -9.17
CA ASP C 230 34.79 -21.38 -8.84
C ASP C 230 35.11 -21.04 -7.37
N LYS C 231 34.98 -22.01 -6.46
CA LYS C 231 35.33 -21.78 -5.06
C LYS C 231 36.83 -21.46 -4.98
N SER C 232 37.64 -22.26 -5.67
CA SER C 232 39.10 -22.10 -5.68
C SER C 232 39.56 -20.72 -6.14
N LYS C 233 38.90 -20.17 -7.16
CA LYS C 233 39.26 -18.86 -7.68
C LYS C 233 39.01 -17.79 -6.62
N ILE C 234 37.85 -17.90 -5.98
CA ILE C 234 37.42 -16.96 -4.96
C ILE C 234 38.32 -16.99 -3.73
N VAL C 235 38.71 -18.18 -3.31
CA VAL C 235 39.57 -18.30 -2.14
C VAL C 235 40.98 -17.86 -2.54
N ALA C 236 41.26 -17.93 -3.83
CA ALA C 236 42.56 -17.52 -4.36
C ALA C 236 42.61 -16.00 -4.38
N GLU C 237 41.45 -15.37 -4.45
CA GLU C 237 41.38 -13.91 -4.45
C GLU C 237 41.42 -13.39 -3.01
N ILE C 238 40.72 -14.07 -2.10
CA ILE C 238 40.70 -13.67 -0.70
C ILE C 238 42.06 -13.98 -0.09
N ARG C 239 42.69 -15.05 -0.55
CA ARG C 239 44.01 -15.42 -0.07
C ARG C 239 45.01 -14.26 -0.21
N GLY C 240 45.75 -14.01 0.86
CA GLY C 240 46.71 -12.92 0.82
C GLY C 240 46.07 -11.62 1.28
N ASN C 241 44.74 -11.60 1.34
CA ASN C 241 43.96 -10.44 1.76
C ASN C 241 43.01 -10.74 2.92
N VAL C 242 43.20 -11.88 3.57
CA VAL C 242 42.35 -12.27 4.68
C VAL C 242 42.34 -11.23 5.80
N LEU C 243 43.43 -10.49 5.94
CA LEU C 243 43.49 -9.49 7.00
C LEU C 243 42.57 -8.28 6.77
N VAL C 244 42.73 -7.63 5.63
CA VAL C 244 41.92 -6.46 5.29
C VAL C 244 40.46 -6.77 5.08
N LEU C 245 40.17 -7.83 4.34
CA LEU C 245 38.77 -8.17 4.08
C LEU C 245 38.04 -8.60 5.34
N SER C 246 38.78 -9.09 6.35
CA SER C 246 38.13 -9.50 7.60
C SER C 246 37.62 -8.32 8.40
N GLN C 247 38.25 -7.15 8.21
CA GLN C 247 37.87 -5.94 8.92
C GLN C 247 36.76 -5.14 8.22
N HIS C 248 36.35 -5.63 7.06
CA HIS C 248 35.31 -4.98 6.26
C HIS C 248 33.94 -5.46 6.72
N LYS C 249 32.97 -4.55 6.75
CA LYS C 249 31.63 -4.93 7.19
C LYS C 249 31.02 -6.04 6.33
N PHE C 250 31.22 -5.94 5.02
CA PHE C 250 30.63 -6.92 4.13
C PHE C 250 31.51 -8.07 3.74
N ALA C 251 32.77 -7.79 3.42
CA ALA C 251 33.71 -8.81 3.00
C ALA C 251 34.04 -9.82 4.09
N SER C 252 33.94 -9.41 5.36
CA SER C 252 34.24 -10.34 6.42
C SER C 252 33.28 -11.51 6.38
N ASN C 253 32.09 -11.36 5.83
CA ASN C 253 31.17 -12.50 5.77
C ASN C 253 31.65 -13.45 4.68
N VAL C 254 32.27 -12.89 3.64
CA VAL C 254 32.75 -13.71 2.56
C VAL C 254 33.96 -14.55 2.95
N VAL C 255 34.90 -14.00 3.73
CA VAL C 255 36.05 -14.83 4.10
C VAL C 255 35.61 -15.90 5.10
N GLU C 256 34.47 -15.68 5.76
CA GLU C 256 33.97 -16.70 6.69
C GLU C 256 33.52 -17.88 5.82
N LYS C 257 32.91 -17.55 4.67
CA LYS C 257 32.43 -18.54 3.73
C LYS C 257 33.58 -19.32 3.07
N CYS C 258 34.69 -18.65 2.86
CA CYS C 258 35.83 -19.32 2.24
C CYS C 258 36.40 -20.32 3.22
N VAL C 259 36.73 -19.84 4.41
CA VAL C 259 37.29 -20.68 5.46
C VAL C 259 36.45 -21.95 5.61
N THR C 260 35.14 -21.80 5.49
CA THR C 260 34.20 -22.90 5.61
C THR C 260 34.06 -23.83 4.41
N HIS C 261 33.81 -23.28 3.23
CA HIS C 261 33.60 -24.11 2.05
C HIS C 261 34.78 -24.36 1.12
N ALA C 262 35.97 -23.91 1.50
CA ALA C 262 37.13 -24.16 0.68
C ALA C 262 37.49 -25.63 0.88
N SER C 263 38.51 -26.10 0.19
CA SER C 263 38.94 -27.49 0.33
C SER C 263 39.79 -27.53 1.60
N ARG C 264 40.08 -28.74 2.08
CA ARG C 264 40.89 -28.89 3.28
C ARG C 264 42.20 -28.13 3.19
N THR C 265 42.97 -28.39 2.13
CA THR C 265 44.24 -27.69 1.95
C THR C 265 44.04 -26.15 1.90
N GLU C 266 43.06 -25.70 1.13
CA GLU C 266 42.80 -24.27 1.01
C GLU C 266 42.45 -23.68 2.37
N ARG C 267 41.54 -24.35 3.08
CA ARG C 267 41.12 -23.91 4.40
C ARG C 267 42.32 -23.80 5.33
N ALA C 268 43.16 -24.82 5.31
CA ALA C 268 44.34 -24.88 6.16
C ALA C 268 45.33 -23.73 5.90
N VAL C 269 45.47 -23.32 4.65
CA VAL C 269 46.40 -22.26 4.27
C VAL C 269 45.84 -20.85 4.54
N LEU C 270 44.51 -20.76 4.59
CA LEU C 270 43.82 -19.50 4.87
C LEU C 270 44.01 -19.19 6.35
N ILE C 271 43.82 -20.21 7.18
CA ILE C 271 43.98 -20.02 8.61
C ILE C 271 45.43 -19.75 8.96
N ASP C 272 46.35 -20.41 8.26
CA ASP C 272 47.76 -20.19 8.54
C ASP C 272 48.16 -18.79 8.15
N GLU C 273 47.47 -18.24 7.17
CA GLU C 273 47.78 -16.90 6.69
C GLU C 273 47.62 -15.80 7.73
N VAL C 274 46.70 -15.98 8.67
CA VAL C 274 46.48 -14.98 9.69
C VAL C 274 47.45 -15.15 10.86
N CYS C 275 48.10 -16.31 10.91
CA CYS C 275 49.07 -16.56 11.97
C CYS C 275 50.40 -15.91 11.54
N THR C 276 50.76 -16.12 10.28
CA THR C 276 52.01 -15.59 9.73
C THR C 276 52.07 -14.06 9.60
N MET C 277 51.28 -13.50 8.70
CA MET C 277 51.26 -12.06 8.46
C MET C 277 51.46 -11.22 9.73
N ASN C 278 52.08 -10.06 9.54
CA ASN C 278 52.34 -9.13 10.63
C ASN C 278 51.75 -7.76 10.30
N ASP C 279 50.63 -7.43 10.95
CA ASP C 279 49.99 -6.13 10.71
C ASP C 279 50.72 -5.03 11.47
N GLY C 280 51.59 -4.32 10.76
CA GLY C 280 52.36 -3.25 11.37
C GLY C 280 53.30 -3.76 12.44
N PRO C 281 53.48 -3.01 13.54
CA PRO C 281 54.36 -3.41 14.64
C PRO C 281 54.03 -4.75 15.30
N HIS C 282 52.77 -5.17 15.22
CA HIS C 282 52.36 -6.44 15.84
C HIS C 282 51.50 -7.35 14.96
N SER C 283 51.57 -8.64 15.25
CA SER C 283 50.84 -9.69 14.53
C SER C 283 49.49 -9.29 13.95
N ALA C 284 49.08 -10.00 12.92
CA ALA C 284 47.79 -9.76 12.27
C ALA C 284 46.71 -10.37 13.14
N LEU C 285 47.03 -11.50 13.75
CA LEU C 285 46.09 -12.21 14.60
C LEU C 285 45.62 -11.33 15.75
N TYR C 286 46.52 -10.51 16.28
CA TYR C 286 46.16 -9.62 17.36
C TYR C 286 45.20 -8.55 16.82
N THR C 287 45.47 -8.05 15.63
CA THR C 287 44.64 -7.02 14.98
C THR C 287 43.20 -7.51 14.77
N MET C 288 43.05 -8.73 14.24
CA MET C 288 41.73 -9.29 14.00
C MET C 288 40.89 -9.47 15.27
N MET C 289 41.48 -10.14 16.27
CA MET C 289 40.79 -10.41 17.52
C MET C 289 40.15 -9.17 18.14
N LYS C 290 40.82 -8.02 18.03
CA LYS C 290 40.28 -6.80 18.62
C LYS C 290 39.31 -6.07 17.70
N ASP C 291 39.17 -6.54 16.47
CA ASP C 291 38.28 -5.91 15.49
C ASP C 291 36.79 -6.28 15.58
N GLN C 292 35.92 -5.28 15.35
CA GLN C 292 34.48 -5.49 15.41
C GLN C 292 33.90 -6.48 14.40
N TYR C 293 34.59 -6.72 13.30
CA TYR C 293 34.11 -7.66 12.30
C TYR C 293 35.02 -8.88 12.25
N ALA C 294 36.33 -8.64 12.25
CA ALA C 294 37.32 -9.71 12.18
C ALA C 294 37.27 -10.77 13.29
N ASN C 295 36.74 -10.43 14.47
CA ASN C 295 36.68 -11.42 15.52
C ASN C 295 35.78 -12.56 15.07
N TYR C 296 34.84 -12.25 14.19
CA TYR C 296 33.95 -13.28 13.67
C TYR C 296 34.73 -14.22 12.77
N VAL C 297 35.59 -13.66 11.92
CA VAL C 297 36.40 -14.51 11.06
C VAL C 297 37.34 -15.38 11.92
N VAL C 298 38.04 -14.75 12.87
CA VAL C 298 38.95 -15.47 13.76
C VAL C 298 38.26 -16.59 14.52
N GLN C 299 36.97 -16.43 14.79
CA GLN C 299 36.20 -17.44 15.52
C GLN C 299 35.81 -18.59 14.60
N LYS C 300 35.44 -18.23 13.36
CA LYS C 300 35.03 -19.21 12.37
C LYS C 300 36.22 -20.09 12.02
N MET C 301 37.42 -19.52 12.10
CA MET C 301 38.60 -20.29 11.82
C MET C 301 38.82 -21.28 12.95
N ILE C 302 38.61 -20.85 14.19
CA ILE C 302 38.82 -21.75 15.32
C ILE C 302 37.82 -22.90 15.32
N ASP C 303 36.75 -22.78 14.54
CA ASP C 303 35.77 -23.88 14.49
C ASP C 303 36.08 -24.87 13.41
N VAL C 304 36.48 -24.36 12.25
CA VAL C 304 36.77 -25.20 11.12
C VAL C 304 38.20 -25.73 11.09
N ALA C 305 39.08 -25.12 11.86
CA ALA C 305 40.46 -25.56 11.90
C ALA C 305 40.49 -26.97 12.47
N GLU C 306 41.15 -27.89 11.78
CA GLU C 306 41.24 -29.25 12.26
C GLU C 306 42.09 -29.23 13.54
N PRO C 307 41.88 -30.22 14.44
CA PRO C 307 42.60 -30.34 15.71
C PRO C 307 44.07 -29.88 15.67
N GLY C 308 44.81 -30.41 14.71
CA GLY C 308 46.20 -30.04 14.59
C GLY C 308 46.40 -28.55 14.49
N GLN C 309 45.72 -27.95 13.51
CA GLN C 309 45.84 -26.51 13.28
C GLN C 309 45.14 -25.64 14.33
N ARG C 310 44.05 -26.13 14.90
CA ARG C 310 43.38 -25.36 15.93
C ARG C 310 44.32 -25.20 17.11
N LYS C 311 44.98 -26.31 17.46
CA LYS C 311 45.92 -26.32 18.57
C LYS C 311 46.91 -25.18 18.46
N ILE C 312 47.53 -25.06 17.29
CA ILE C 312 48.51 -23.99 17.05
C ILE C 312 47.85 -22.63 17.12
N VAL C 313 46.68 -22.51 16.53
CA VAL C 313 45.94 -21.24 16.54
C VAL C 313 45.68 -20.82 18.00
N MET C 314 45.25 -21.77 18.82
CA MET C 314 44.99 -21.49 20.23
C MET C 314 46.28 -21.07 20.91
N HIS C 315 47.37 -21.74 20.57
CA HIS C 315 48.67 -21.45 21.18
C HIS C 315 49.18 -20.09 20.77
N LYS C 316 48.85 -19.69 19.55
CA LYS C 316 49.28 -18.40 19.01
C LYS C 316 48.54 -17.26 19.74
N ILE C 317 47.32 -17.58 20.17
CA ILE C 317 46.44 -16.64 20.87
C ILE C 317 46.77 -16.48 22.36
N ARG C 318 46.99 -17.60 23.03
CA ARG C 318 47.30 -17.65 24.46
C ARG C 318 48.15 -16.48 24.98
N PRO C 319 49.09 -15.99 24.17
CA PRO C 319 49.91 -14.87 24.64
C PRO C 319 49.17 -13.56 24.93
N HIS C 320 48.10 -13.29 24.20
CA HIS C 320 47.35 -12.06 24.40
C HIS C 320 46.04 -12.11 25.20
N ILE C 321 45.84 -13.15 25.99
CA ILE C 321 44.63 -13.25 26.80
C ILE C 321 44.39 -11.94 27.55
N ALA C 322 45.42 -11.44 28.23
CA ALA C 322 45.32 -10.19 28.99
C ALA C 322 44.75 -9.04 28.15
N THR C 323 45.23 -8.92 26.92
CA THR C 323 44.78 -7.85 26.03
C THR C 323 43.34 -8.04 25.56
N LEU C 324 42.96 -9.30 25.35
CA LEU C 324 41.60 -9.61 24.91
C LEU C 324 40.55 -9.20 25.93
N ARG C 325 40.90 -9.27 27.21
CA ARG C 325 39.97 -8.93 28.27
C ARG C 325 39.60 -7.44 28.32
N LYS C 326 40.46 -6.58 27.77
CA LYS C 326 40.20 -5.15 27.80
C LYS C 326 39.50 -4.62 26.55
N TYR C 327 39.68 -5.31 25.43
CA TYR C 327 39.07 -4.90 24.17
C TYR C 327 37.69 -5.52 24.09
N THR C 328 36.68 -4.66 24.01
CA THR C 328 35.29 -5.11 23.98
C THR C 328 35.06 -6.29 23.07
N TYR C 329 35.40 -6.13 21.78
CA TYR C 329 35.22 -7.19 20.80
C TYR C 329 36.20 -8.34 21.02
N GLY C 330 37.20 -8.09 21.86
CA GLY C 330 38.19 -9.12 22.13
C GLY C 330 37.68 -10.20 23.04
N LYS C 331 36.71 -9.83 23.88
CA LYS C 331 36.15 -10.79 24.82
C LYS C 331 35.56 -12.03 24.16
N HIS C 332 34.74 -11.83 23.14
CA HIS C 332 34.11 -12.93 22.44
C HIS C 332 35.08 -14.04 22.00
N ILE C 333 36.26 -13.64 21.52
CA ILE C 333 37.28 -14.59 21.07
C ILE C 333 37.81 -15.35 22.29
N LEU C 334 38.09 -14.60 23.36
CA LEU C 334 38.59 -15.18 24.60
C LEU C 334 37.55 -16.13 25.19
N ALA C 335 36.28 -15.78 25.07
CA ALA C 335 35.19 -16.59 25.60
C ALA C 335 35.08 -17.95 24.91
N LYS C 336 35.86 -18.12 23.83
CA LYS C 336 35.87 -19.38 23.08
C LYS C 336 37.14 -20.13 23.50
N LEU C 337 38.27 -19.42 23.41
CA LEU C 337 39.56 -19.97 23.79
C LEU C 337 39.41 -20.54 25.19
N GLU C 338 38.79 -19.74 26.06
CA GLU C 338 38.53 -20.07 27.45
C GLU C 338 38.25 -21.56 27.61
N LYS C 339 37.16 -22.01 26.99
CA LYS C 339 36.72 -23.40 27.04
C LYS C 339 37.87 -24.39 26.92
N TYR C 340 38.10 -24.88 25.70
CA TYR C 340 39.16 -25.84 25.45
C TYR C 340 40.53 -25.20 25.32
N TYR C 341 41.05 -24.71 26.44
CA TYR C 341 42.36 -24.08 26.48
C TYR C 341 43.19 -24.78 27.55
N GLY D 1 22.26 32.25 12.59
CA GLY D 1 20.91 31.74 12.21
C GLY D 1 21.00 30.51 11.32
N ARG D 2 20.79 30.70 10.03
CA ARG D 2 20.86 29.60 9.07
C ARG D 2 22.33 29.29 8.79
N SER D 3 22.75 28.09 9.20
CA SER D 3 24.13 27.66 9.01
C SER D 3 24.59 27.86 7.58
N ARG D 4 25.89 27.97 7.40
CA ARG D 4 26.51 28.15 6.08
C ARG D 4 26.04 27.10 5.09
N LEU D 5 25.94 25.85 5.54
CA LEU D 5 25.52 24.77 4.65
C LEU D 5 24.14 25.02 4.06
N LEU D 6 23.22 25.48 4.89
CA LEU D 6 21.87 25.74 4.44
C LEU D 6 21.80 26.99 3.55
N GLU D 7 22.50 28.05 3.92
CA GLU D 7 22.49 29.27 3.13
C GLU D 7 22.96 28.99 1.71
N ASP D 8 24.12 28.38 1.59
CA ASP D 8 24.65 28.07 0.26
C ASP D 8 23.71 27.15 -0.51
N PHE D 9 23.09 26.19 0.17
CA PHE D 9 22.16 25.32 -0.53
C PHE D 9 21.00 26.12 -1.11
N ARG D 10 20.49 27.04 -0.31
CA ARG D 10 19.38 27.90 -0.72
C ARG D 10 19.79 28.67 -2.00
N ASN D 11 21.04 29.14 -2.07
CA ASN D 11 21.57 29.89 -3.25
C ASN D 11 22.20 28.95 -4.26
N ASN D 12 21.39 28.01 -4.69
CA ASN D 12 21.75 26.99 -5.64
C ASN D 12 23.23 26.59 -5.83
N ARG D 13 24.06 26.85 -4.82
CA ARG D 13 25.47 26.48 -4.91
C ARG D 13 25.86 24.99 -4.82
N TYR D 14 24.95 24.08 -4.49
CA TYR D 14 25.31 22.65 -4.37
C TYR D 14 24.45 21.72 -5.24
N PRO D 15 24.67 21.70 -6.56
CA PRO D 15 23.87 20.83 -7.42
C PRO D 15 24.16 19.32 -7.29
N ASN D 16 25.26 18.99 -6.62
CA ASN D 16 25.65 17.60 -6.43
C ASN D 16 25.53 17.26 -4.94
N LEU D 17 24.61 17.91 -4.27
CA LEU D 17 24.42 17.68 -2.85
C LEU D 17 23.75 16.35 -2.61
N GLN D 18 24.43 15.46 -1.91
CA GLN D 18 23.86 14.16 -1.61
C GLN D 18 23.39 14.13 -0.17
N LEU D 19 22.50 13.20 0.12
CA LEU D 19 21.94 13.07 1.45
C LEU D 19 22.98 13.05 2.54
N ARG D 20 24.05 12.30 2.33
CA ARG D 20 25.12 12.18 3.32
C ARG D 20 25.90 13.46 3.57
N GLU D 21 25.86 14.39 2.64
CA GLU D 21 26.59 15.64 2.81
C GLU D 21 25.90 16.65 3.74
N ILE D 22 24.68 16.34 4.17
CA ILE D 22 23.97 17.24 5.07
C ILE D 22 23.75 16.59 6.44
N ALA D 23 24.57 15.59 6.76
CA ALA D 23 24.49 14.87 8.03
C ALA D 23 24.74 15.81 9.20
N GLY D 24 23.84 15.75 10.18
CA GLY D 24 23.95 16.62 11.34
C GLY D 24 23.26 17.93 11.02
N HIS D 25 22.57 17.94 9.89
CA HIS D 25 21.85 19.12 9.41
C HIS D 25 20.43 18.76 9.00
N ILE D 26 20.06 17.51 9.23
CA ILE D 26 18.74 17.00 8.85
C ILE D 26 17.55 17.77 9.41
N MET D 27 17.54 17.95 10.73
CA MET D 27 16.46 18.66 11.38
C MET D 27 16.36 20.06 10.77
N GLU D 28 17.53 20.66 10.56
CA GLU D 28 17.61 22.00 10.00
C GLU D 28 16.99 22.09 8.62
N PHE D 29 17.38 21.19 7.73
CA PHE D 29 16.85 21.22 6.37
C PHE D 29 15.38 20.87 6.36
N SER D 30 14.95 19.98 7.24
CA SER D 30 13.55 19.57 7.31
C SER D 30 12.60 20.72 7.62
N GLN D 31 13.13 21.76 8.26
CA GLN D 31 12.36 22.95 8.62
C GLN D 31 12.55 24.06 7.58
N ASP D 32 13.21 23.73 6.49
CA ASP D 32 13.45 24.71 5.43
C ASP D 32 12.58 24.34 4.23
N GLN D 33 11.99 25.36 3.63
CA GLN D 33 11.12 25.16 2.48
C GLN D 33 11.83 24.24 1.47
N HIS D 34 12.99 24.65 1.01
CA HIS D 34 13.76 23.88 0.02
C HIS D 34 14.40 22.64 0.64
N GLY D 35 14.89 22.78 1.87
CA GLY D 35 15.51 21.67 2.56
C GLY D 35 14.57 20.50 2.78
N SER D 36 13.31 20.79 3.09
CA SER D 36 12.35 19.72 3.31
C SER D 36 12.13 18.96 2.01
N ARG D 37 11.90 19.69 0.92
CA ARG D 37 11.68 19.06 -0.37
C ARG D 37 12.93 18.34 -0.89
N PHE D 38 14.09 18.83 -0.50
CA PHE D 38 15.36 18.21 -0.90
C PHE D 38 15.36 16.79 -0.33
N ILE D 39 15.16 16.71 0.98
CA ILE D 39 15.13 15.43 1.70
C ILE D 39 14.05 14.51 1.16
N GLN D 40 12.83 15.05 1.02
CA GLN D 40 11.71 14.27 0.51
C GLN D 40 12.09 13.59 -0.81
N LEU D 41 12.74 14.34 -1.70
CA LEU D 41 13.14 13.83 -3.01
C LEU D 41 14.31 12.87 -2.96
N LYS D 42 15.44 13.29 -2.41
CA LYS D 42 16.60 12.43 -2.32
C LYS D 42 16.21 11.15 -1.58
N LEU D 43 15.15 11.25 -0.78
CA LEU D 43 14.65 10.13 0.01
C LEU D 43 14.12 8.99 -0.87
N GLU D 44 13.27 9.34 -1.82
CA GLU D 44 12.69 8.36 -2.73
C GLU D 44 13.75 7.42 -3.31
N ARG D 45 14.89 7.99 -3.72
CA ARG D 45 15.98 7.22 -4.30
C ARG D 45 17.13 7.06 -3.32
N ALA D 46 16.82 6.78 -2.05
CA ALA D 46 17.87 6.64 -1.05
C ALA D 46 18.18 5.20 -0.70
N THR D 47 19.47 4.88 -0.62
CA THR D 47 19.93 3.54 -0.30
C THR D 47 19.42 3.11 1.07
N PRO D 48 19.68 1.85 1.45
CA PRO D 48 19.23 1.36 2.76
C PRO D 48 19.67 2.29 3.88
N ALA D 49 20.99 2.44 3.99
CA ALA D 49 21.62 3.27 5.00
C ALA D 49 21.13 4.71 4.93
N GLU D 50 21.14 5.28 3.73
CA GLU D 50 20.67 6.66 3.56
C GLU D 50 19.37 6.85 4.32
N ARG D 51 18.42 5.94 4.12
CA ARG D 51 17.12 6.01 4.79
C ARG D 51 17.33 6.16 6.29
N GLN D 52 18.25 5.35 6.84
CA GLN D 52 18.59 5.37 8.25
C GLN D 52 19.37 6.63 8.65
N LEU D 53 20.45 6.94 7.93
CA LEU D 53 21.25 8.10 8.25
C LEU D 53 20.31 9.25 8.60
N VAL D 54 19.42 9.54 7.67
CA VAL D 54 18.46 10.60 7.84
C VAL D 54 17.48 10.33 8.98
N PHE D 55 16.96 9.10 9.04
CA PHE D 55 16.00 8.73 10.07
C PHE D 55 16.44 8.99 11.51
N ASN D 56 17.57 8.42 11.92
CA ASN D 56 18.00 8.62 13.30
C ASN D 56 18.16 10.08 13.66
N GLU D 57 18.16 10.95 12.66
CA GLU D 57 18.26 12.37 12.95
C GLU D 57 16.89 13.03 13.06
N ILE D 58 15.88 12.45 12.41
CA ILE D 58 14.56 13.05 12.51
C ILE D 58 13.88 12.44 13.72
N LEU D 59 14.32 11.24 14.11
CA LEU D 59 13.75 10.59 15.27
C LEU D 59 14.27 11.31 16.52
N GLN D 60 15.52 11.77 16.45
CA GLN D 60 16.12 12.48 17.57
C GLN D 60 15.20 13.63 17.97
N ALA D 61 14.57 14.25 16.98
CA ALA D 61 13.65 15.36 17.20
C ALA D 61 12.42 15.15 16.32
N ALA D 62 11.75 14.02 16.52
CA ALA D 62 10.59 13.66 15.72
C ALA D 62 9.29 14.39 16.05
N TYR D 63 9.21 15.02 17.21
CA TYR D 63 7.98 15.74 17.58
C TYR D 63 7.99 17.16 17.02
N GLN D 64 9.08 17.87 17.26
CA GLN D 64 9.23 19.24 16.79
C GLN D 64 8.90 19.34 15.32
N LEU D 65 9.26 18.29 14.57
CA LEU D 65 9.04 18.24 13.13
C LEU D 65 7.59 17.97 12.70
N MET D 66 6.84 17.24 13.51
CA MET D 66 5.45 16.93 13.16
C MET D 66 4.57 18.17 13.29
N VAL D 67 5.04 19.15 14.07
CA VAL D 67 4.29 20.39 14.28
C VAL D 67 4.87 21.52 13.47
N ASP D 68 5.73 21.21 12.52
CA ASP D 68 6.36 22.22 11.69
C ASP D 68 5.77 22.27 10.28
N VAL D 69 5.50 23.48 9.81
CA VAL D 69 4.93 23.75 8.49
C VAL D 69 5.70 23.09 7.34
N PHE D 70 6.96 22.72 7.59
CA PHE D 70 7.79 22.08 6.57
C PHE D 70 8.28 20.71 7.01
N GLY D 71 8.48 20.54 8.31
CA GLY D 71 9.00 19.27 8.82
C GLY D 71 8.05 18.10 8.85
N ASN D 72 6.75 18.37 8.85
CA ASN D 72 5.74 17.30 8.91
C ASN D 72 5.74 16.48 7.63
N TYR D 73 6.32 17.04 6.57
CA TYR D 73 6.38 16.32 5.32
C TYR D 73 7.46 15.25 5.41
N VAL D 74 8.61 15.59 5.98
CA VAL D 74 9.70 14.63 6.10
C VAL D 74 9.25 13.41 6.88
N ILE D 75 8.45 13.62 7.91
CA ILE D 75 7.96 12.53 8.73
C ILE D 75 6.87 11.69 8.05
N GLN D 76 5.95 12.32 7.33
CA GLN D 76 4.91 11.54 6.64
C GLN D 76 5.59 10.60 5.63
N LYS D 77 6.59 11.11 4.93
CA LYS D 77 7.34 10.32 3.95
C LYS D 77 7.77 9.01 4.59
N PHE D 78 8.45 9.08 5.73
CA PHE D 78 8.87 7.86 6.39
C PHE D 78 7.68 6.95 6.67
N PHE D 79 6.58 7.50 7.17
CA PHE D 79 5.38 6.71 7.44
C PHE D 79 4.85 6.00 6.20
N GLU D 80 5.16 6.54 5.03
CA GLU D 80 4.69 5.92 3.80
C GLU D 80 5.64 4.90 3.21
N PHE D 81 6.85 5.34 2.89
CA PHE D 81 7.84 4.44 2.29
C PHE D 81 8.70 3.69 3.31
N GLY D 82 9.12 4.41 4.36
CA GLY D 82 9.94 3.83 5.41
C GLY D 82 9.68 2.39 5.80
N SER D 83 10.67 1.78 6.44
CA SER D 83 10.58 0.40 6.90
C SER D 83 9.63 0.27 8.07
N LEU D 84 9.20 -0.96 8.35
CA LEU D 84 8.27 -1.18 9.44
C LEU D 84 8.81 -0.65 10.77
N GLU D 85 10.09 -0.89 11.04
CA GLU D 85 10.72 -0.43 12.27
C GLU D 85 10.70 1.09 12.39
N GLN D 86 10.94 1.77 11.27
CA GLN D 86 10.94 3.22 11.29
C GLN D 86 9.55 3.73 11.60
N LYS D 87 8.53 3.02 11.12
CA LYS D 87 7.15 3.39 11.37
C LYS D 87 6.72 3.10 12.81
N LEU D 88 6.99 1.89 13.30
CA LEU D 88 6.59 1.60 14.67
C LEU D 88 7.31 2.55 15.63
N ALA D 89 8.54 2.92 15.28
CA ALA D 89 9.32 3.81 16.11
C ALA D 89 8.75 5.23 16.09
N LEU D 90 8.32 5.70 14.92
CA LEU D 90 7.72 7.03 14.83
C LEU D 90 6.37 7.04 15.54
N ALA D 91 5.58 5.99 15.36
CA ALA D 91 4.29 5.91 16.02
C ALA D 91 4.55 5.88 17.52
N GLU D 92 5.76 5.43 17.88
CA GLU D 92 6.16 5.33 19.28
C GLU D 92 6.34 6.71 19.94
N ARG D 93 6.97 7.64 19.22
CA ARG D 93 7.20 8.99 19.73
C ARG D 93 5.90 9.77 19.72
N ILE D 94 4.85 9.13 19.23
CA ILE D 94 3.56 9.79 19.14
C ILE D 94 2.69 9.57 20.38
N ARG D 95 2.78 8.39 20.98
CA ARG D 95 2.01 8.03 22.16
C ARG D 95 2.00 9.16 23.18
N GLY D 96 0.81 9.51 23.66
CA GLY D 96 0.68 10.58 24.63
C GLY D 96 0.60 11.96 24.00
N HIS D 97 0.84 12.03 22.69
CA HIS D 97 0.81 13.29 21.97
C HIS D 97 -0.27 13.29 20.90
N VAL D 98 -1.08 12.23 20.88
CA VAL D 98 -2.15 12.09 19.90
C VAL D 98 -3.11 13.28 19.86
N LEU D 99 -3.79 13.54 20.97
CA LEU D 99 -4.74 14.65 21.06
C LEU D 99 -4.10 15.96 20.63
N SER D 100 -2.97 16.28 21.24
CA SER D 100 -2.22 17.50 20.96
C SER D 100 -1.90 17.66 19.46
N LEU D 101 -1.53 16.56 18.81
CA LEU D 101 -1.19 16.59 17.39
C LEU D 101 -2.45 16.67 16.55
N ALA D 102 -3.49 15.97 16.98
CA ALA D 102 -4.76 15.97 16.26
C ALA D 102 -5.30 17.39 16.15
N LEU D 103 -5.07 18.18 17.19
CA LEU D 103 -5.53 19.57 17.24
C LEU D 103 -4.60 20.56 16.55
N GLN D 104 -3.32 20.19 16.45
CA GLN D 104 -2.30 21.04 15.83
C GLN D 104 -2.39 21.07 14.30
N MET D 105 -2.26 22.26 13.75
CA MET D 105 -2.34 22.46 12.31
C MET D 105 -1.54 21.46 11.46
N TYR D 106 -0.27 21.27 11.81
CA TYR D 106 0.59 20.36 11.05
C TYR D 106 0.66 18.96 11.64
N GLY D 107 0.19 18.81 12.87
CA GLY D 107 0.22 17.50 13.49
C GLY D 107 -0.87 16.57 13.00
N CYS D 108 -2.02 17.13 12.64
CA CYS D 108 -3.14 16.31 12.18
C CYS D 108 -2.77 15.68 10.86
N ARG D 109 -1.81 16.28 10.17
CA ARG D 109 -1.36 15.75 8.90
C ARG D 109 -0.54 14.47 9.11
N VAL D 110 0.31 14.48 10.14
CA VAL D 110 1.14 13.32 10.46
C VAL D 110 0.26 12.17 10.98
N ILE D 111 -0.63 12.49 11.90
CA ILE D 111 -1.53 11.50 12.47
C ILE D 111 -2.31 10.81 11.34
N GLN D 112 -2.84 11.60 10.40
CA GLN D 112 -3.59 11.02 9.29
C GLN D 112 -2.74 10.13 8.38
N LYS D 113 -1.44 10.38 8.32
CA LYS D 113 -0.58 9.55 7.48
C LYS D 113 -0.20 8.30 8.26
N ALA D 114 0.01 8.47 9.56
CA ALA D 114 0.38 7.37 10.41
C ALA D 114 -0.77 6.37 10.46
N LEU D 115 -1.99 6.88 10.64
CA LEU D 115 -3.15 6.02 10.69
C LEU D 115 -3.25 5.19 9.41
N GLU D 116 -2.98 5.82 8.28
CA GLU D 116 -3.08 5.13 7.01
C GLU D 116 -2.15 3.94 6.84
N PHE D 117 -0.88 4.09 7.19
CA PHE D 117 0.10 3.02 6.98
C PHE D 117 0.57 2.12 8.13
N ILE D 118 0.35 2.52 9.37
CA ILE D 118 0.82 1.68 10.49
C ILE D 118 -0.16 0.55 10.78
N PRO D 119 0.34 -0.57 11.34
CA PRO D 119 -0.46 -1.75 11.70
C PRO D 119 -1.69 -1.41 12.52
N SER D 120 -2.61 -2.37 12.66
CA SER D 120 -3.83 -2.14 13.42
C SER D 120 -3.62 -2.00 14.92
N ASP D 121 -2.66 -2.72 15.48
CA ASP D 121 -2.42 -2.61 16.92
C ASP D 121 -1.94 -1.21 17.26
N GLN D 122 -1.21 -0.61 16.33
CA GLN D 122 -0.70 0.74 16.53
C GLN D 122 -1.83 1.74 16.33
N GLN D 123 -2.70 1.46 15.35
CA GLN D 123 -3.84 2.31 15.06
C GLN D 123 -4.75 2.44 16.28
N ASN D 124 -5.07 1.29 16.88
CA ASN D 124 -5.93 1.26 18.05
C ASN D 124 -5.23 1.95 19.22
N GLU D 125 -3.96 1.60 19.41
CA GLU D 125 -3.12 2.15 20.46
C GLU D 125 -2.97 3.66 20.24
N MET D 126 -3.66 4.17 19.21
CA MET D 126 -3.59 5.59 18.87
C MET D 126 -4.96 6.25 19.01
N VAL D 127 -6.00 5.58 18.53
CA VAL D 127 -7.36 6.09 18.59
C VAL D 127 -7.90 6.08 20.02
N ARG D 128 -7.15 5.43 20.91
CA ARG D 128 -7.56 5.30 22.29
C ARG D 128 -7.37 6.57 23.13
N GLU D 129 -6.45 7.43 22.70
CA GLU D 129 -6.20 8.68 23.42
C GLU D 129 -7.30 9.71 23.10
N LEU D 130 -8.11 9.40 22.09
CA LEU D 130 -9.21 10.25 21.65
C LEU D 130 -10.42 10.15 22.56
N ASP D 131 -10.65 8.94 23.08
CA ASP D 131 -11.78 8.71 23.97
C ASP D 131 -11.77 9.79 25.04
N GLY D 132 -12.90 10.49 25.18
CA GLY D 132 -13.00 11.53 26.19
C GLY D 132 -12.64 12.88 25.62
N HIS D 133 -12.40 12.94 24.31
CA HIS D 133 -12.06 14.18 23.64
C HIS D 133 -12.64 14.15 22.23
N VAL D 134 -13.51 13.16 22.00
CA VAL D 134 -14.15 12.96 20.71
C VAL D 134 -14.93 14.15 20.17
N LEU D 135 -15.67 14.84 21.04
CA LEU D 135 -16.44 15.99 20.59
C LEU D 135 -15.54 17.19 20.34
N LYS D 136 -14.51 17.32 21.17
CA LYS D 136 -13.54 18.40 21.02
C LYS D 136 -12.88 18.25 19.65
N CYS D 137 -12.41 17.04 19.35
CA CYS D 137 -11.77 16.75 18.09
C CYS D 137 -12.69 16.95 16.88
N VAL D 138 -13.91 16.45 16.95
CA VAL D 138 -14.86 16.59 15.85
C VAL D 138 -15.18 18.05 15.51
N LYS D 139 -15.21 18.91 16.52
CA LYS D 139 -15.51 20.32 16.30
C LYS D 139 -14.27 21.16 16.02
N ASP D 140 -13.11 20.51 15.93
CA ASP D 140 -11.86 21.20 15.65
C ASP D 140 -11.58 21.10 14.14
N GLN D 141 -11.15 22.22 13.55
CA GLN D 141 -10.88 22.24 12.12
C GLN D 141 -9.80 21.27 11.68
N ASN D 142 -8.87 20.95 12.58
CA ASN D 142 -7.81 20.01 12.26
C ASN D 142 -8.21 18.63 12.79
N GLY D 143 -8.71 18.59 14.01
CA GLY D 143 -9.12 17.32 14.58
C GLY D 143 -10.23 16.64 13.80
N ASN D 144 -11.10 17.44 13.18
CA ASN D 144 -12.22 16.90 12.43
C ASN D 144 -11.75 15.94 11.34
N HIS D 145 -10.57 16.19 10.78
CA HIS D 145 -10.06 15.33 9.73
C HIS D 145 -9.35 14.07 10.26
N VAL D 146 -8.85 14.12 11.49
CA VAL D 146 -8.18 12.97 12.07
C VAL D 146 -9.25 11.97 12.48
N VAL D 147 -10.31 12.47 13.13
CA VAL D 147 -11.39 11.58 13.54
C VAL D 147 -12.05 11.05 12.28
N GLN D 148 -12.11 11.90 11.26
CA GLN D 148 -12.70 11.50 10.00
C GLN D 148 -11.79 10.42 9.42
N LYS D 149 -10.49 10.58 9.61
CA LYS D 149 -9.53 9.61 9.10
C LYS D 149 -9.74 8.27 9.82
N CYS D 150 -9.91 8.32 11.14
CA CYS D 150 -10.13 7.13 11.95
C CYS D 150 -11.33 6.31 11.52
N ILE D 151 -12.45 6.97 11.29
CA ILE D 151 -13.66 6.29 10.87
C ILE D 151 -13.45 5.32 9.71
N GLU D 152 -12.66 5.73 8.71
CA GLU D 152 -12.44 4.90 7.54
C GLU D 152 -11.11 4.17 7.47
N CYS D 153 -10.37 4.11 8.58
CA CYS D 153 -9.07 3.44 8.56
C CYS D 153 -8.85 2.43 9.67
N VAL D 154 -9.43 2.68 10.84
CA VAL D 154 -9.27 1.78 11.98
C VAL D 154 -10.38 0.73 12.04
N GLN D 155 -10.16 -0.32 12.84
CA GLN D 155 -11.14 -1.38 13.01
C GLN D 155 -12.39 -0.80 13.65
N PRO D 156 -13.55 -0.92 12.96
CA PRO D 156 -14.81 -0.40 13.46
C PRO D 156 -15.09 -0.71 14.93
N GLN D 157 -14.86 -1.94 15.34
CA GLN D 157 -15.09 -2.33 16.73
C GLN D 157 -14.32 -1.48 17.75
N SER D 158 -13.17 -0.96 17.35
CA SER D 158 -12.36 -0.14 18.24
C SER D 158 -12.82 1.31 18.25
N LEU D 159 -13.91 1.60 17.53
CA LEU D 159 -14.45 2.95 17.43
C LEU D 159 -15.75 3.10 18.23
N GLN D 160 -15.94 2.21 19.21
CA GLN D 160 -17.14 2.25 20.03
C GLN D 160 -17.22 3.57 20.79
N PHE D 161 -16.08 4.06 21.26
CA PHE D 161 -16.06 5.31 22.01
C PHE D 161 -16.67 6.45 21.20
N ILE D 162 -16.30 6.55 19.93
CA ILE D 162 -16.84 7.62 19.08
C ILE D 162 -18.37 7.61 19.12
N ILE D 163 -18.98 6.50 18.73
CA ILE D 163 -20.42 6.37 18.72
C ILE D 163 -21.04 6.68 20.08
N ASP D 164 -20.60 5.97 21.12
CA ASP D 164 -21.13 6.18 22.47
C ASP D 164 -21.18 7.66 22.84
N ALA D 165 -20.34 8.47 22.19
CA ALA D 165 -20.30 9.89 22.47
C ALA D 165 -21.35 10.63 21.64
N PHE D 166 -21.66 10.08 20.46
CA PHE D 166 -22.66 10.66 19.55
C PHE D 166 -24.09 10.33 19.95
N LYS D 167 -24.25 9.35 20.83
CA LYS D 167 -25.56 8.95 21.29
C LYS D 167 -26.13 10.09 22.10
N GLY D 168 -27.08 10.80 21.50
CA GLY D 168 -27.69 11.95 22.16
C GLY D 168 -27.35 13.29 21.50
N GLN D 169 -26.27 13.31 20.73
CA GLN D 169 -25.78 14.52 20.05
C GLN D 169 -25.86 14.53 18.52
N VAL D 170 -26.34 13.44 17.90
CA VAL D 170 -26.38 13.35 16.45
C VAL D 170 -26.96 14.55 15.71
N PHE D 171 -28.12 15.05 16.14
CA PHE D 171 -28.75 16.19 15.48
C PHE D 171 -27.87 17.43 15.43
N ALA D 172 -27.22 17.77 16.55
CA ALA D 172 -26.34 18.93 16.60
C ALA D 172 -25.15 18.71 15.67
N LEU D 173 -24.50 17.56 15.82
CA LEU D 173 -23.34 17.21 15.01
C LEU D 173 -23.60 17.20 13.51
N SER D 174 -24.73 16.62 13.11
CA SER D 174 -25.08 16.57 11.68
C SER D 174 -25.46 17.97 11.21
N THR D 175 -25.46 18.92 12.14
CA THR D 175 -25.81 20.30 11.85
C THR D 175 -24.55 21.15 11.85
N HIS D 176 -23.45 20.56 12.31
CA HIS D 176 -22.18 21.25 12.39
C HIS D 176 -21.47 21.15 11.03
N PRO D 177 -20.65 22.17 10.67
CA PRO D 177 -19.93 22.14 9.38
C PRO D 177 -18.92 21.00 9.25
N TYR D 178 -18.31 20.62 10.36
CA TYR D 178 -17.36 19.51 10.36
C TYR D 178 -18.12 18.30 10.86
N GLY D 179 -19.01 18.54 11.81
CA GLY D 179 -19.81 17.47 12.37
C GLY D 179 -20.45 16.63 11.29
N CYS D 180 -21.16 17.30 10.39
CA CYS D 180 -21.83 16.60 9.31
C CYS D 180 -20.83 15.72 8.57
N ARG D 181 -19.60 16.19 8.44
CA ARG D 181 -18.56 15.43 7.75
C ARG D 181 -18.24 14.11 8.47
N VAL D 182 -18.18 14.15 9.80
CA VAL D 182 -17.89 12.96 10.59
C VAL D 182 -19.08 12.01 10.68
N ILE D 183 -20.28 12.55 10.52
CA ILE D 183 -21.47 11.72 10.57
C ILE D 183 -21.52 10.84 9.30
N GLN D 184 -21.31 11.44 8.15
CA GLN D 184 -21.31 10.69 6.89
C GLN D 184 -20.27 9.56 6.90
N ARG D 185 -19.10 9.85 7.46
CA ARG D 185 -18.04 8.85 7.52
C ARG D 185 -18.51 7.59 8.25
N ILE D 186 -19.28 7.78 9.31
CA ILE D 186 -19.79 6.65 10.09
C ILE D 186 -20.79 5.82 9.29
N LEU D 187 -21.79 6.47 8.70
CA LEU D 187 -22.77 5.75 7.90
C LEU D 187 -22.10 5.06 6.72
N GLU D 188 -20.80 5.23 6.57
CA GLU D 188 -20.06 4.61 5.46
C GLU D 188 -19.15 3.46 5.85
N HIS D 189 -18.54 3.53 7.04
CA HIS D 189 -17.62 2.50 7.46
C HIS D 189 -17.93 1.84 8.82
N CYS D 190 -19.02 2.23 9.48
CA CYS D 190 -19.33 1.63 10.78
C CYS D 190 -20.26 0.40 10.78
N LEU D 191 -20.17 -0.40 11.84
CA LEU D 191 -20.97 -1.60 11.98
C LEU D 191 -22.45 -1.32 12.11
N PRO D 192 -23.31 -2.25 11.64
CA PRO D 192 -24.76 -2.12 11.70
C PRO D 192 -25.23 -1.85 13.10
N ASP D 193 -24.68 -2.62 14.03
CA ASP D 193 -25.00 -2.49 15.44
C ASP D 193 -24.40 -1.20 15.98
N GLN D 194 -23.99 -0.32 15.06
CA GLN D 194 -23.39 0.96 15.40
C GLN D 194 -24.16 2.08 14.71
N THR D 195 -24.31 1.98 13.39
CA THR D 195 -25.03 3.01 12.66
C THR D 195 -26.51 2.89 12.96
N LEU D 196 -26.85 1.96 13.85
CA LEU D 196 -28.24 1.73 14.24
C LEU D 196 -28.80 2.95 14.97
N PRO D 197 -28.27 3.26 16.17
CA PRO D 197 -28.80 4.43 16.87
C PRO D 197 -28.65 5.69 16.04
N ILE D 198 -27.50 5.85 15.39
CA ILE D 198 -27.27 7.03 14.57
C ILE D 198 -28.41 7.23 13.57
N LEU D 199 -28.64 6.21 12.75
CA LEU D 199 -29.69 6.28 11.74
C LEU D 199 -31.05 6.62 12.30
N GLU D 200 -31.33 6.17 13.52
CA GLU D 200 -32.61 6.48 14.13
C GLU D 200 -32.62 7.92 14.61
N GLU D 201 -31.52 8.31 15.24
CA GLU D 201 -31.37 9.65 15.78
C GLU D 201 -31.30 10.71 14.67
N LEU D 202 -31.45 10.27 13.42
CA LEU D 202 -31.47 11.19 12.27
C LEU D 202 -32.91 11.20 11.80
N HIS D 203 -33.44 10.00 11.61
CA HIS D 203 -34.82 9.82 11.16
C HIS D 203 -35.79 10.61 12.03
N GLN D 204 -35.39 10.90 13.26
CA GLN D 204 -36.23 11.65 14.17
C GLN D 204 -35.85 13.13 14.20
N HIS D 205 -35.30 13.60 13.09
CA HIS D 205 -34.88 14.98 12.94
C HIS D 205 -34.93 15.37 11.47
N THR D 206 -35.32 14.42 10.63
CA THR D 206 -35.40 14.61 9.19
C THR D 206 -36.00 15.94 8.77
N GLU D 207 -37.17 16.26 9.30
CA GLU D 207 -37.84 17.51 8.93
C GLU D 207 -36.93 18.71 9.15
N GLN D 208 -36.26 18.75 10.30
CA GLN D 208 -35.38 19.85 10.60
C GLN D 208 -34.08 19.75 9.80
N LEU D 209 -33.51 18.54 9.75
CA LEU D 209 -32.25 18.31 9.05
C LEU D 209 -32.23 18.59 7.54
N VAL D 210 -33.36 18.40 6.87
CA VAL D 210 -33.38 18.63 5.42
C VAL D 210 -33.32 20.12 5.08
N GLN D 211 -33.60 20.96 6.08
CA GLN D 211 -33.60 22.40 5.91
C GLN D 211 -32.32 23.08 6.40
N ASP D 212 -31.46 22.30 7.05
CA ASP D 212 -30.19 22.81 7.55
C ASP D 212 -29.21 22.87 6.37
N GLN D 213 -28.29 23.83 6.38
CA GLN D 213 -27.33 23.94 5.28
C GLN D 213 -26.33 22.79 5.27
N TYR D 214 -26.16 22.16 6.44
CA TYR D 214 -25.25 21.03 6.59
C TYR D 214 -25.98 19.71 6.75
N GLY D 215 -27.11 19.74 7.46
CA GLY D 215 -27.87 18.53 7.68
C GLY D 215 -28.40 17.90 6.40
N ASN D 216 -28.63 18.71 5.38
CA ASN D 216 -29.17 18.20 4.12
C ASN D 216 -28.20 17.30 3.36
N TYR D 217 -26.90 17.48 3.55
CA TYR D 217 -25.93 16.63 2.89
C TYR D 217 -25.99 15.25 3.53
N VAL D 218 -26.26 15.25 4.83
CA VAL D 218 -26.35 14.00 5.58
C VAL D 218 -27.55 13.20 5.10
N ILE D 219 -28.73 13.82 5.06
CA ILE D 219 -29.91 13.12 4.59
C ILE D 219 -29.68 12.72 3.12
N GLN D 220 -29.01 13.58 2.36
CA GLN D 220 -28.72 13.25 0.97
C GLN D 220 -27.84 12.00 0.93
N HIS D 221 -26.92 11.88 1.87
CA HIS D 221 -26.02 10.72 1.93
C HIS D 221 -26.80 9.44 2.16
N VAL D 222 -27.76 9.48 3.07
CA VAL D 222 -28.55 8.29 3.34
C VAL D 222 -29.40 8.00 2.11
N LEU D 223 -29.83 9.04 1.41
CA LEU D 223 -30.61 8.83 0.21
C LEU D 223 -29.75 8.25 -0.90
N GLU D 224 -28.50 8.72 -0.99
CA GLU D 224 -27.57 8.26 -2.02
C GLU D 224 -26.93 6.90 -1.77
N HIS D 225 -26.95 6.40 -0.54
CA HIS D 225 -26.29 5.13 -0.28
C HIS D 225 -27.06 4.16 0.62
N GLY D 226 -27.50 4.64 1.78
CA GLY D 226 -28.18 3.79 2.75
C GLY D 226 -29.12 2.69 2.27
N ARG D 227 -29.76 2.04 3.22
CA ARG D 227 -30.70 0.97 2.89
C ARG D 227 -32.04 1.57 2.47
N PRO D 228 -32.82 0.85 1.65
CA PRO D 228 -34.12 1.37 1.21
C PRO D 228 -35.05 1.52 2.41
N GLU D 229 -34.78 0.73 3.44
CA GLU D 229 -35.57 0.75 4.65
C GLU D 229 -35.50 2.16 5.22
N ASP D 230 -34.29 2.70 5.27
CA ASP D 230 -34.06 4.04 5.78
C ASP D 230 -34.41 5.10 4.75
N LYS D 231 -34.44 4.71 3.48
CA LYS D 231 -34.75 5.65 2.42
C LYS D 231 -36.23 6.00 2.34
N SER D 232 -37.09 5.00 2.42
CA SER D 232 -38.53 5.24 2.37
C SER D 232 -38.97 6.11 3.54
N LYS D 233 -38.19 6.11 4.62
CA LYS D 233 -38.52 6.91 5.80
C LYS D 233 -38.18 8.37 5.57
N ILE D 234 -37.21 8.62 4.70
CA ILE D 234 -36.83 9.99 4.38
C ILE D 234 -37.88 10.55 3.43
N VAL D 235 -38.29 9.76 2.45
CA VAL D 235 -39.29 10.23 1.51
C VAL D 235 -40.68 10.23 2.14
N ALA D 236 -40.85 9.47 3.22
CA ALA D 236 -42.13 9.42 3.93
C ALA D 236 -42.39 10.82 4.51
N GLU D 237 -41.31 11.54 4.77
CA GLU D 237 -41.36 12.89 5.30
C GLU D 237 -41.44 13.94 4.20
N ILE D 238 -41.07 13.55 2.98
CA ILE D 238 -41.08 14.46 1.84
C ILE D 238 -42.41 14.37 1.10
N ARG D 239 -42.99 13.18 1.08
CA ARG D 239 -44.28 12.95 0.43
C ARG D 239 -45.34 13.90 1.02
N GLY D 240 -45.94 14.72 0.18
CA GLY D 240 -46.95 15.66 0.66
C GLY D 240 -46.41 17.07 0.83
N ASN D 241 -45.15 17.18 1.24
CA ASN D 241 -44.51 18.48 1.44
C ASN D 241 -43.56 18.81 0.29
N VAL D 242 -43.81 18.27 -0.90
CA VAL D 242 -42.92 18.52 -2.05
C VAL D 242 -42.91 20.00 -2.45
N LEU D 243 -44.08 20.62 -2.53
CA LEU D 243 -44.17 22.03 -2.92
C LEU D 243 -43.33 22.95 -2.04
N VAL D 244 -43.45 22.81 -0.72
CA VAL D 244 -42.73 23.66 0.22
C VAL D 244 -41.22 23.44 0.35
N LEU D 245 -40.78 22.18 0.37
CA LEU D 245 -39.34 21.91 0.50
C LEU D 245 -38.60 22.11 -0.81
N SER D 246 -39.33 22.20 -1.91
CA SER D 246 -38.72 22.39 -3.22
C SER D 246 -38.33 23.85 -3.44
N GLN D 247 -38.90 24.75 -2.67
CA GLN D 247 -38.59 26.17 -2.81
C GLN D 247 -37.57 26.61 -1.79
N HIS D 248 -37.26 25.71 -0.88
CA HIS D 248 -36.28 25.97 0.16
C HIS D 248 -34.90 25.81 -0.49
N LYS D 249 -33.99 26.73 -0.19
CA LYS D 249 -32.65 26.66 -0.77
C LYS D 249 -32.04 25.27 -0.65
N PHE D 250 -31.85 24.84 0.60
CA PHE D 250 -31.24 23.56 0.91
C PHE D 250 -32.13 22.33 0.74
N ALA D 251 -33.30 22.31 1.38
CA ALA D 251 -34.22 21.16 1.27
C ALA D 251 -34.59 20.84 -0.17
N SER D 252 -34.56 21.85 -1.03
CA SER D 252 -34.86 21.66 -2.44
C SER D 252 -33.99 20.50 -2.94
N ASN D 253 -32.74 20.47 -2.48
CA ASN D 253 -31.79 19.42 -2.88
C ASN D 253 -32.20 18.04 -2.35
N VAL D 254 -32.56 17.94 -1.07
CA VAL D 254 -32.99 16.67 -0.50
C VAL D 254 -34.16 16.17 -1.35
N VAL D 255 -34.97 17.10 -1.84
CA VAL D 255 -36.12 16.75 -2.67
C VAL D 255 -35.66 16.13 -3.98
N GLU D 256 -34.54 16.59 -4.51
CA GLU D 256 -34.04 16.03 -5.77
C GLU D 256 -33.49 14.64 -5.54
N LYS D 257 -32.88 14.43 -4.38
CA LYS D 257 -32.30 13.13 -4.04
C LYS D 257 -33.36 12.11 -3.69
N CYS D 258 -34.57 12.57 -3.40
CA CYS D 258 -35.67 11.66 -3.07
C CYS D 258 -36.33 11.17 -4.34
N VAL D 259 -36.30 12.00 -5.38
CA VAL D 259 -36.89 11.66 -6.67
C VAL D 259 -35.89 10.86 -7.52
N THR D 260 -34.62 11.22 -7.42
CA THR D 260 -33.57 10.54 -8.17
C THR D 260 -33.23 9.15 -7.58
N HIS D 261 -33.85 8.82 -6.45
CA HIS D 261 -33.58 7.56 -5.85
C HIS D 261 -34.83 6.89 -5.32
N ALA D 262 -35.98 7.43 -5.70
CA ALA D 262 -37.24 6.87 -5.26
C ALA D 262 -37.28 5.45 -5.79
N SER D 263 -38.26 4.69 -5.36
CA SER D 263 -38.39 3.34 -5.85
C SER D 263 -38.70 3.46 -7.32
N ARG D 264 -39.65 2.64 -7.74
CA ARG D 264 -40.13 2.65 -9.10
C ARG D 264 -41.54 3.20 -8.83
N THR D 265 -42.02 2.89 -7.62
CA THR D 265 -43.36 3.28 -7.17
C THR D 265 -43.44 4.63 -6.43
N GLU D 266 -42.50 4.88 -5.53
CA GLU D 266 -42.48 6.13 -4.78
C GLU D 266 -42.26 7.32 -5.74
N ARG D 267 -41.43 7.09 -6.77
CA ARG D 267 -41.09 8.12 -7.75
C ARG D 267 -42.25 8.55 -8.66
N ALA D 268 -43.41 7.91 -8.50
CA ALA D 268 -44.59 8.26 -9.30
C ALA D 268 -45.68 8.79 -8.38
N VAL D 269 -45.28 9.12 -7.16
CA VAL D 269 -46.19 9.64 -6.15
C VAL D 269 -45.78 11.06 -5.78
N LEU D 270 -44.46 11.29 -5.70
CA LEU D 270 -43.93 12.61 -5.37
C LEU D 270 -44.13 13.51 -6.57
N ILE D 271 -44.33 12.88 -7.74
CA ILE D 271 -44.55 13.61 -8.97
C ILE D 271 -46.04 13.78 -9.22
N ASP D 272 -46.83 12.85 -8.73
CA ASP D 272 -48.27 12.91 -8.86
C ASP D 272 -48.77 13.82 -7.75
N GLU D 273 -47.85 14.37 -6.98
CA GLU D 273 -48.23 15.26 -5.92
C GLU D 273 -48.26 16.69 -6.46
N VAL D 274 -47.23 17.05 -7.22
CA VAL D 274 -47.16 18.39 -7.78
C VAL D 274 -48.16 18.59 -8.92
N CYS D 275 -48.65 17.50 -9.48
CA CYS D 275 -49.61 17.58 -10.56
C CYS D 275 -51.04 17.62 -10.01
N THR D 276 -51.19 17.69 -8.70
CA THR D 276 -52.52 17.70 -8.12
C THR D 276 -52.82 18.52 -6.85
N MET D 277 -52.03 19.54 -6.53
CA MET D 277 -52.35 20.37 -5.35
C MET D 277 -53.59 21.21 -5.69
N ASN D 278 -53.68 21.59 -6.96
CA ASN D 278 -54.75 22.41 -7.53
C ASN D 278 -55.75 23.04 -6.56
N ASP D 279 -55.52 24.31 -6.24
CA ASP D 279 -56.38 25.10 -5.37
C ASP D 279 -56.53 26.48 -6.03
N GLY D 280 -55.43 27.23 -6.07
CA GLY D 280 -55.45 28.55 -6.64
C GLY D 280 -55.02 28.62 -8.09
N PRO D 281 -53.84 29.18 -8.37
CA PRO D 281 -53.25 29.34 -9.70
C PRO D 281 -53.57 28.25 -10.71
N HIS D 282 -53.27 27.01 -10.34
CA HIS D 282 -53.51 25.86 -11.21
C HIS D 282 -52.89 24.59 -10.63
N SER D 283 -51.57 24.50 -10.74
CA SER D 283 -50.80 23.36 -10.31
C SER D 283 -49.69 23.76 -9.34
N ALA D 284 -49.20 22.80 -8.55
CA ALA D 284 -48.10 23.03 -7.60
C ALA D 284 -46.89 23.17 -8.51
N LEU D 285 -46.95 22.41 -9.59
CA LEU D 285 -45.95 22.41 -10.62
C LEU D 285 -45.91 23.81 -11.22
N TYR D 286 -47.08 24.46 -11.29
CA TYR D 286 -47.23 25.81 -11.87
C TYR D 286 -46.42 26.86 -11.08
N THR D 287 -46.45 26.74 -9.75
CA THR D 287 -45.69 27.62 -8.88
C THR D 287 -44.21 27.21 -8.99
N MET D 288 -44.00 25.89 -9.08
CA MET D 288 -42.67 25.29 -9.15
C MET D 288 -41.83 25.67 -10.37
N MET D 289 -42.41 25.57 -11.55
CA MET D 289 -41.66 25.86 -12.76
C MET D 289 -40.97 27.23 -12.80
N LYS D 290 -41.39 28.17 -11.96
CA LYS D 290 -40.77 29.50 -11.99
C LYS D 290 -39.99 29.84 -10.72
N ASP D 291 -40.10 28.99 -9.72
CA ASP D 291 -39.39 29.22 -8.47
C ASP D 291 -37.89 29.16 -8.79
N GLN D 292 -37.08 29.83 -7.99
CA GLN D 292 -35.64 29.85 -8.21
C GLN D 292 -34.95 28.55 -7.86
N TYR D 293 -35.57 27.76 -7.00
CA TYR D 293 -35.02 26.48 -6.58
C TYR D 293 -35.85 25.30 -7.06
N ALA D 294 -37.16 25.45 -7.03
CA ALA D 294 -38.05 24.38 -7.44
C ALA D 294 -38.05 24.06 -8.94
N ASN D 295 -37.40 24.89 -9.75
CA ASN D 295 -37.37 24.60 -11.17
C ASN D 295 -36.45 23.40 -11.41
N TYR D 296 -35.60 23.13 -10.44
CA TYR D 296 -34.70 21.99 -10.56
C TYR D 296 -35.50 20.72 -10.28
N VAL D 297 -36.29 20.74 -9.21
CA VAL D 297 -37.12 19.60 -8.86
C VAL D 297 -38.00 19.24 -10.05
N VAL D 298 -38.53 20.25 -10.74
CA VAL D 298 -39.37 20.00 -11.90
C VAL D 298 -38.55 19.33 -12.99
N GLN D 299 -37.31 19.77 -13.16
CA GLN D 299 -36.45 19.18 -14.18
C GLN D 299 -36.08 17.73 -13.83
N LYS D 300 -35.39 17.53 -12.70
CA LYS D 300 -35.00 16.19 -12.30
C LYS D 300 -36.19 15.24 -12.25
N MET D 301 -37.39 15.79 -12.06
CA MET D 301 -38.59 14.96 -12.02
C MET D 301 -38.99 14.60 -13.44
N ILE D 302 -38.77 15.53 -14.36
CA ILE D 302 -39.08 15.32 -15.76
C ILE D 302 -38.10 14.28 -16.30
N ASP D 303 -36.88 14.29 -15.78
CA ASP D 303 -35.86 13.35 -16.23
C ASP D 303 -36.10 11.91 -15.78
N VAL D 304 -36.37 11.69 -14.50
CA VAL D 304 -36.56 10.34 -14.01
C VAL D 304 -37.98 9.76 -14.04
N ALA D 305 -38.98 10.61 -14.25
CA ALA D 305 -40.36 10.13 -14.29
C ALA D 305 -40.59 9.21 -15.49
N GLU D 306 -41.47 8.22 -15.30
CA GLU D 306 -41.79 7.27 -16.36
C GLU D 306 -42.16 8.02 -17.64
N PRO D 307 -41.98 7.38 -18.80
CA PRO D 307 -42.30 8.00 -20.08
C PRO D 307 -43.80 8.14 -20.29
N GLY D 308 -44.56 7.43 -19.46
CA GLY D 308 -46.01 7.49 -19.55
C GLY D 308 -46.54 8.57 -18.63
N GLN D 309 -45.84 8.77 -17.52
CA GLN D 309 -46.22 9.78 -16.53
C GLN D 309 -45.60 11.13 -16.91
N ARG D 310 -44.56 11.09 -17.73
CA ARG D 310 -43.88 12.29 -18.17
C ARG D 310 -44.64 13.08 -19.22
N LYS D 311 -45.17 12.40 -20.23
CA LYS D 311 -45.92 13.10 -21.28
C LYS D 311 -47.09 13.84 -20.64
N ILE D 312 -47.60 13.30 -19.54
CA ILE D 312 -48.72 13.91 -18.82
C ILE D 312 -48.27 15.25 -18.24
N VAL D 313 -47.13 15.23 -17.53
CA VAL D 313 -46.58 16.45 -16.94
C VAL D 313 -46.27 17.47 -18.02
N MET D 314 -45.75 17.00 -19.16
CA MET D 314 -45.43 17.89 -20.26
C MET D 314 -46.71 18.41 -20.90
N HIS D 315 -47.84 17.88 -20.46
CA HIS D 315 -49.15 18.27 -20.97
C HIS D 315 -49.77 19.36 -20.10
N LYS D 316 -49.69 19.15 -18.78
CA LYS D 316 -50.24 20.10 -17.82
C LYS D 316 -49.37 21.35 -17.71
N ILE D 317 -48.36 21.44 -18.55
CA ILE D 317 -47.44 22.57 -18.52
C ILE D 317 -47.49 23.34 -19.85
N ARG D 318 -47.88 22.65 -20.92
CA ARG D 318 -47.96 23.24 -22.25
C ARG D 318 -48.80 24.52 -22.34
N PRO D 319 -49.96 24.55 -21.67
CA PRO D 319 -50.84 25.73 -21.71
C PRO D 319 -50.24 26.99 -21.10
N HIS D 320 -49.48 26.81 -20.01
CA HIS D 320 -48.86 27.94 -19.31
C HIS D 320 -47.46 28.22 -19.88
N ILE D 321 -47.27 27.92 -21.15
CA ILE D 321 -45.98 28.12 -21.83
C ILE D 321 -45.45 29.55 -21.86
N ALA D 322 -46.32 30.50 -22.19
CA ALA D 322 -45.91 31.90 -22.26
C ALA D 322 -45.56 32.45 -20.87
N THR D 323 -46.01 31.75 -19.84
CA THR D 323 -45.71 32.15 -18.46
C THR D 323 -44.25 31.81 -18.19
N LEU D 324 -43.85 30.61 -18.60
CA LEU D 324 -42.47 30.15 -18.42
C LEU D 324 -41.53 31.03 -19.23
N ARG D 325 -42.06 31.59 -20.31
CA ARG D 325 -41.28 32.44 -21.19
C ARG D 325 -40.88 33.73 -20.46
N LYS D 326 -41.71 34.13 -19.49
CA LYS D 326 -41.48 35.35 -18.71
C LYS D 326 -40.70 35.16 -17.40
N TYR D 327 -40.34 33.92 -17.07
CA TYR D 327 -39.57 33.65 -15.86
C TYR D 327 -38.22 33.05 -16.22
N THR D 328 -37.15 33.63 -15.68
CA THR D 328 -35.81 33.16 -15.98
C THR D 328 -35.50 31.80 -15.34
N TYR D 329 -36.14 31.51 -14.21
CA TYR D 329 -35.92 30.25 -13.52
C TYR D 329 -36.64 29.13 -14.26
N GLY D 330 -37.16 29.43 -15.44
CA GLY D 330 -37.86 28.43 -16.23
C GLY D 330 -37.34 28.36 -17.66
N LYS D 331 -36.29 29.13 -17.94
CA LYS D 331 -35.69 29.15 -19.27
C LYS D 331 -35.18 27.79 -19.71
N HIS D 332 -34.95 26.90 -18.75
CA HIS D 332 -34.47 25.55 -19.06
C HIS D 332 -35.58 24.52 -18.96
N ILE D 333 -36.45 24.67 -17.99
CA ILE D 333 -37.58 23.75 -17.87
C ILE D 333 -38.31 23.89 -19.19
N LEU D 334 -38.33 25.13 -19.67
CA LEU D 334 -38.96 25.49 -20.92
C LEU D 334 -38.25 24.82 -22.09
N ALA D 335 -36.93 24.89 -22.08
CA ALA D 335 -36.12 24.30 -23.14
C ALA D 335 -36.46 22.83 -23.29
N LYS D 336 -36.77 22.19 -22.17
CA LYS D 336 -37.12 20.77 -22.16
C LYS D 336 -38.46 20.50 -22.81
N LEU D 337 -39.43 21.41 -22.63
CA LEU D 337 -40.73 21.22 -23.25
C LEU D 337 -40.57 21.38 -24.75
N GLU D 338 -39.83 22.41 -25.15
CA GLU D 338 -39.58 22.72 -26.55
C GLU D 338 -39.02 21.51 -27.32
N LYS D 339 -37.81 21.08 -26.94
CA LYS D 339 -37.15 19.94 -27.59
C LYS D 339 -38.06 18.72 -27.64
N TYR D 340 -38.95 18.60 -26.64
CA TYR D 340 -39.92 17.48 -26.53
C TYR D 340 -40.74 17.24 -27.81
N TYR D 341 -41.09 18.38 -28.50
CA TYR D 341 -41.72 18.40 -29.80
C TYR D 341 -40.74 18.96 -30.85
N MET D 342 -39.86 19.92 -30.51
CA MET D 342 -38.97 20.46 -31.52
C MET D 342 -37.66 20.96 -30.94
#